data_8A56
#
_entry.id   8A56
#
_cell.length_a   139.797
_cell.length_b   194.809
_cell.length_c   91.460
_cell.angle_alpha   90.000
_cell.angle_beta   90.000
_cell.angle_gamma   90.000
#
_symmetry.space_group_name_H-M   'C 2 2 21'
#
loop_
_entity.id
_entity.type
_entity.pdbx_description
1 polymer 'Coenzyme A-persulfide reductase'
2 non-polymer 'FLAVIN-ADENINE DINUCLEOTIDE'
3 non-polymer GLYCEROL
4 non-polymer 'IODIDE ION'
5 non-polymer 1,2-ETHANEDIOL
6 non-polymer "3'-PHOSPHATE-ADENOSINE-5'-DIPHOSPHATE"
7 water water
#
_entity_poly.entity_id   1
_entity_poly.type   'polypeptide(L)'
_entity_poly.pdbx_seq_one_letter_code
;HHHHHHDYDIPTTENLYFQGAMGKIVIIGGVAGGMSAATRLRRLMEDAEIVVMEKGPFVSFANCGLPYYVSGEIAEREQL
LVQTPEALKARFNLDVRPHHEVVAIDPIEKVITVKHETEILTEHYDKLILSPGAKPFVPPITGLAEAKNVFSLRNVPDLD
QIMTALTPETKRAVVIGAGFIGLEMAENLQKRGLEVTLVEKAPHVLPPLDEEMAAFVKAELSKNNVQVITGQSAVAFEEE
GQVIRLEDGQTLASDLTILSVGVQPENTLAVEAGVATGLRGGIVVDEHYQTNQPDIYAVGDAIVVKQQITQEDALISLAS
PANRQGRQVADVIAGLERKNQGSIGTAIVRVFDLTAASTGLSERAAKAAGLTTAVVHISGKDHAGYYPGATDLQLKLVFH
PTTGEIYGAQGIGAKGVDKRIDILATAIKGQLTIFDLPELEFTYAPPFGSAKDPVNMLGYAAMNLVEGLSENVQWYELSN
ELAKGAVLLDVRNPAERANGQFKNAVSIPLNELRERLEELDKSTEYIVSCHSGLRSYIAERMLKQAGISAKNLDGAFALY
RMVKPEELENV
;
_entity_poly.pdbx_strand_id   A,B
#
# COMPACT_ATOMS: atom_id res chain seq x y z
N GLY A 23 38.01 -15.15 3.68
CA GLY A 23 37.86 -16.28 4.65
C GLY A 23 36.95 -17.36 4.13
N LYS A 24 36.63 -18.34 4.97
CA LYS A 24 35.73 -19.43 4.62
C LYS A 24 34.47 -19.32 5.47
N ILE A 25 33.33 -19.22 4.82
CA ILE A 25 32.04 -19.14 5.49
C ILE A 25 31.24 -20.39 5.13
N VAL A 26 30.73 -21.07 6.14
CA VAL A 26 29.86 -22.23 5.97
C VAL A 26 28.47 -21.87 6.45
N ILE A 27 27.47 -22.22 5.64
CA ILE A 27 26.08 -21.86 5.90
C ILE A 27 25.29 -23.16 6.01
N ILE A 28 24.58 -23.33 7.12
CA ILE A 28 23.75 -24.51 7.35
C ILE A 28 22.30 -24.10 7.09
N GLY A 29 21.72 -24.63 6.02
CA GLY A 29 20.41 -24.21 5.58
C GLY A 29 20.49 -23.45 4.27
N GLY A 30 19.77 -23.92 3.25
CA GLY A 30 19.89 -23.32 1.94
C GLY A 30 18.59 -22.83 1.34
N VAL A 31 17.81 -22.08 2.12
CA VAL A 31 16.58 -21.48 1.59
C VAL A 31 16.58 -19.98 1.88
N ALA A 32 15.58 -19.49 2.60
CA ALA A 32 15.38 -18.05 2.69
C ALA A 32 16.57 -17.35 3.34
N GLY A 33 16.85 -17.70 4.60
CA GLY A 33 17.92 -17.02 5.31
C GLY A 33 19.31 -17.39 4.81
N GLY A 34 19.54 -18.69 4.59
CA GLY A 34 20.88 -19.15 4.25
C GLY A 34 21.34 -18.68 2.88
N MET A 35 20.49 -18.81 1.86
CA MET A 35 20.89 -18.42 0.51
C MET A 35 20.93 -16.91 0.35
N SER A 36 20.04 -16.18 1.02
CA SER A 36 20.14 -14.73 1.01
C SER A 36 21.47 -14.27 1.59
N ALA A 37 21.96 -14.97 2.61
CA ALA A 37 23.28 -14.65 3.16
C ALA A 37 24.38 -15.04 2.18
N ALA A 38 24.25 -16.19 1.52
CA ALA A 38 25.31 -16.70 0.66
C ALA A 38 25.55 -15.77 -0.53
N THR A 39 24.48 -15.35 -1.19
CA THR A 39 24.64 -14.53 -2.39
C THR A 39 25.13 -13.13 -2.04
N ARG A 40 24.61 -12.53 -0.97
CA ARG A 40 25.09 -11.22 -0.56
C ARG A 40 26.57 -11.28 -0.16
N LEU A 41 26.97 -12.34 0.55
CA LEU A 41 28.37 -12.51 0.89
C LEU A 41 29.25 -12.52 -0.36
N ARG A 42 28.81 -13.22 -1.40
CA ARG A 42 29.62 -13.30 -2.62
C ARG A 42 29.78 -11.92 -3.26
N ARG A 43 28.71 -11.13 -3.28
CA ARG A 43 28.80 -9.79 -3.85
C ARG A 43 29.74 -8.89 -3.04
N LEU A 44 29.87 -9.16 -1.74
CA LEU A 44 30.76 -8.39 -0.90
C LEU A 44 32.19 -8.93 -0.87
N MET A 45 32.37 -10.24 -1.06
CA MET A 45 33.68 -10.87 -0.94
C MET A 45 33.85 -11.87 -2.08
N GLU A 46 34.44 -11.38 -3.18
CA GLU A 46 34.63 -12.22 -4.36
C GLU A 46 35.57 -13.39 -4.06
N ASP A 47 36.50 -13.23 -3.13
CA ASP A 47 37.55 -14.22 -2.88
C ASP A 47 37.22 -15.21 -1.77
N ALA A 48 36.12 -15.01 -1.05
CA ALA A 48 35.79 -15.89 0.06
C ALA A 48 35.24 -17.22 -0.44
N GLU A 49 35.56 -18.27 0.27
CA GLU A 49 34.98 -19.59 0.02
C GLU A 49 33.66 -19.68 0.77
N ILE A 50 32.57 -19.90 0.04
CA ILE A 50 31.23 -19.95 0.60
C ILE A 50 30.68 -21.34 0.34
N VAL A 51 30.31 -22.05 1.40
CA VAL A 51 29.81 -23.41 1.32
C VAL A 51 28.42 -23.44 1.96
N VAL A 52 27.45 -23.99 1.23
CA VAL A 52 26.06 -24.09 1.70
C VAL A 52 25.73 -25.56 1.85
N MET A 53 25.34 -25.95 3.06
CA MET A 53 24.93 -27.31 3.36
C MET A 53 23.40 -27.35 3.44
N GLU A 54 22.79 -28.24 2.66
CA GLU A 54 21.34 -28.41 2.63
C GLU A 54 21.02 -29.90 2.69
N LYS A 55 20.35 -30.32 3.75
CA LYS A 55 20.03 -31.74 3.89
C LYS A 55 19.00 -32.20 2.87
N GLY A 56 18.26 -31.27 2.27
CA GLY A 56 17.27 -31.60 1.28
C GLY A 56 17.86 -31.68 -0.11
N PRO A 57 17.03 -32.00 -1.11
CA PRO A 57 17.54 -32.19 -2.47
C PRO A 57 17.79 -30.91 -3.25
N PHE A 58 17.22 -29.77 -2.84
CA PHE A 58 17.36 -28.54 -3.60
C PHE A 58 17.66 -27.37 -2.66
N VAL A 59 18.28 -26.34 -3.21
CA VAL A 59 18.41 -25.06 -2.55
C VAL A 59 17.53 -24.06 -3.29
N SER A 60 17.14 -23.00 -2.57
CA SER A 60 16.38 -21.90 -3.16
C SER A 60 15.09 -22.40 -3.80
N PHE A 61 14.43 -23.36 -3.15
CA PHE A 61 13.14 -23.84 -3.61
C PHE A 61 12.05 -22.96 -3.02
N ALA A 62 11.09 -22.58 -3.87
CA ALA A 62 9.99 -21.70 -3.45
C ALA A 62 8.95 -22.51 -2.69
N ASN A 63 9.30 -22.89 -1.46
CA ASN A 63 8.42 -23.73 -0.66
C ASN A 63 7.12 -23.02 -0.30
N CYS A 64 7.10 -21.68 -0.29
CA CYS A 64 5.88 -20.96 -0.01
C CYS A 64 4.79 -21.22 -1.05
N GLY A 65 5.17 -21.62 -2.25
CA GLY A 65 4.23 -21.90 -3.31
C GLY A 65 3.73 -23.32 -3.38
N LEU A 66 4.18 -24.18 -2.45
CA LEU A 66 3.76 -25.58 -2.49
C LEU A 66 2.25 -25.77 -2.38
N PRO A 67 1.53 -25.01 -1.55
CA PRO A 67 0.07 -25.18 -1.54
C PRO A 67 -0.56 -24.93 -2.90
N TYR A 68 -0.04 -23.97 -3.65
CA TYR A 68 -0.64 -23.62 -4.94
C TYR A 68 -0.26 -24.61 -6.04
N TYR A 69 0.80 -25.40 -5.84
CA TYR A 69 1.08 -26.50 -6.77
C TYR A 69 0.13 -27.65 -6.56
N VAL A 70 -0.34 -27.85 -5.33
CA VAL A 70 -1.29 -28.92 -5.05
C VAL A 70 -2.55 -28.74 -5.87
N SER A 71 -3.08 -27.50 -5.91
CA SER A 71 -4.31 -27.23 -6.65
C SER A 71 -4.08 -27.14 -8.15
N GLY A 72 -2.84 -26.97 -8.60
CA GLY A 72 -2.55 -26.81 -10.00
C GLY A 72 -2.45 -25.37 -10.47
N GLU A 73 -2.70 -24.39 -9.59
CA GLU A 73 -2.52 -23.00 -9.99
C GLU A 73 -1.08 -22.72 -10.39
N ILE A 74 -0.13 -23.45 -9.79
CA ILE A 74 1.24 -23.51 -10.30
C ILE A 74 1.35 -24.83 -11.05
N ALA A 75 1.45 -24.76 -12.37
CA ALA A 75 1.25 -25.94 -13.20
C ALA A 75 2.42 -26.91 -13.09
N GLU A 76 3.63 -26.44 -13.36
CA GLU A 76 4.81 -27.29 -13.39
C GLU A 76 5.65 -27.09 -12.14
N ARG A 77 6.23 -28.19 -11.65
CA ARG A 77 6.99 -28.12 -10.40
C ARG A 77 8.28 -27.32 -10.57
N GLU A 78 8.81 -27.26 -11.79
CA GLU A 78 10.07 -26.53 -12.00
C GLU A 78 9.89 -25.03 -11.75
N GLN A 79 8.68 -24.50 -11.92
CA GLN A 79 8.45 -23.09 -11.61
C GLN A 79 8.80 -22.76 -10.16
N LEU A 80 8.84 -23.76 -9.29
CA LEU A 80 9.13 -23.53 -7.88
C LEU A 80 10.61 -23.58 -7.55
N LEU A 81 11.44 -24.12 -8.43
CA LEU A 81 12.89 -24.07 -8.25
C LEU A 81 13.38 -22.73 -8.76
N VAL A 82 13.59 -21.78 -7.84
CA VAL A 82 13.96 -20.42 -8.23
C VAL A 82 15.19 -20.44 -9.14
N GLN A 83 16.31 -20.92 -8.62
CA GLN A 83 17.56 -20.96 -9.37
C GLN A 83 18.12 -22.37 -9.37
N THR A 84 18.46 -22.87 -10.56
CA THR A 84 18.99 -24.21 -10.71
C THR A 84 20.36 -24.32 -10.07
N PRO A 85 20.81 -25.54 -9.75
CA PRO A 85 22.13 -25.67 -9.10
C PRO A 85 23.28 -25.27 -10.01
N GLU A 86 23.12 -25.41 -11.32
CA GLU A 86 24.16 -25.01 -12.25
C GLU A 86 24.29 -23.49 -12.30
N ALA A 87 23.17 -22.78 -12.34
CA ALA A 87 23.22 -21.32 -12.44
C ALA A 87 23.78 -20.68 -11.18
N LEU A 88 23.63 -21.34 -10.03
CA LEU A 88 24.14 -20.76 -8.80
C LEU A 88 25.66 -20.72 -8.79
N LYS A 89 26.31 -21.78 -9.30
CA LYS A 89 27.77 -21.76 -9.37
C LYS A 89 28.27 -20.87 -10.50
N ALA A 90 27.51 -20.76 -11.58
CA ALA A 90 27.89 -19.87 -12.67
C ALA A 90 27.81 -18.41 -12.24
N ARG A 91 26.71 -18.04 -11.58
CA ARG A 91 26.49 -16.64 -11.26
C ARG A 91 27.27 -16.21 -10.02
N PHE A 92 27.25 -17.03 -8.97
CA PHE A 92 27.82 -16.64 -7.69
C PHE A 92 29.01 -17.48 -7.23
N ASN A 93 29.43 -18.46 -8.01
CA ASN A 93 30.57 -19.30 -7.64
C ASN A 93 30.42 -19.83 -6.20
N LEU A 94 29.25 -20.40 -5.93
CA LEU A 94 28.95 -20.95 -4.62
C LEU A 94 29.10 -22.46 -4.63
N ASP A 95 29.54 -23.00 -3.50
CA ASP A 95 29.70 -24.44 -3.32
C ASP A 95 28.47 -24.95 -2.56
N VAL A 96 27.43 -25.30 -3.31
CA VAL A 96 26.17 -25.76 -2.74
C VAL A 96 26.18 -27.29 -2.69
N ARG A 97 25.75 -27.84 -1.56
CA ARG A 97 25.84 -29.27 -1.30
C ARG A 97 24.51 -29.77 -0.74
N PRO A 98 23.58 -30.16 -1.61
CA PRO A 98 22.34 -30.77 -1.14
C PRO A 98 22.59 -32.18 -0.63
N HIS A 99 21.59 -32.73 0.05
CA HIS A 99 21.70 -34.04 0.67
C HIS A 99 22.89 -34.10 1.63
N HIS A 100 23.21 -32.98 2.26
CA HIS A 100 24.25 -32.88 3.28
C HIS A 100 23.57 -32.43 4.56
N GLU A 101 23.43 -33.34 5.52
CA GLU A 101 22.84 -33.02 6.82
C GLU A 101 23.95 -32.84 7.85
N VAL A 102 24.06 -31.64 8.40
CA VAL A 102 25.02 -31.39 9.47
C VAL A 102 24.50 -32.02 10.75
N VAL A 103 25.35 -32.78 11.45
CA VAL A 103 24.96 -33.52 12.63
C VAL A 103 25.75 -33.14 13.87
N ALA A 104 26.77 -32.28 13.76
CA ALA A 104 27.50 -31.84 14.94
C ALA A 104 28.31 -30.60 14.60
N ILE A 105 28.51 -29.75 15.61
CA ILE A 105 29.29 -28.53 15.48
C ILE A 105 30.27 -28.48 16.64
N ASP A 106 31.56 -28.32 16.34
CA ASP A 106 32.59 -28.14 17.36
C ASP A 106 33.04 -26.68 17.34
N PRO A 107 32.53 -25.82 18.21
CA PRO A 107 32.85 -24.38 18.10
C PRO A 107 34.30 -24.04 18.42
N ILE A 108 35.01 -24.90 19.13
CA ILE A 108 36.40 -24.63 19.48
C ILE A 108 37.35 -25.11 18.39
N GLU A 109 37.13 -26.33 17.88
CA GLU A 109 37.88 -26.80 16.72
C GLU A 109 37.45 -26.10 15.44
N LYS A 110 36.24 -25.53 15.42
CA LYS A 110 35.67 -24.88 14.25
C LYS A 110 35.53 -25.87 13.09
N VAL A 111 34.94 -27.03 13.40
CA VAL A 111 34.60 -28.05 12.42
C VAL A 111 33.15 -28.46 12.62
N ILE A 112 32.50 -28.82 11.52
CA ILE A 112 31.16 -29.42 11.56
C ILE A 112 31.27 -30.81 10.97
N THR A 113 30.41 -31.71 11.42
CA THR A 113 30.35 -33.08 10.91
C THR A 113 29.06 -33.23 10.11
N VAL A 114 29.18 -33.78 8.90
CA VAL A 114 28.09 -33.83 7.94
C VAL A 114 27.90 -35.27 7.49
N LYS A 115 26.64 -35.68 7.36
CA LYS A 115 26.29 -36.97 6.80
C LYS A 115 25.79 -36.76 5.38
N HIS A 116 26.44 -37.45 4.43
CA HIS A 116 26.05 -37.41 3.01
C HIS A 116 25.99 -38.86 2.55
N GLU A 117 24.78 -39.39 2.41
CA GLU A 117 24.58 -40.78 2.04
C GLU A 117 25.33 -41.68 3.04
N THR A 118 26.35 -42.39 2.58
CA THR A 118 27.13 -43.26 3.46
C THR A 118 28.38 -42.59 4.02
N GLU A 119 28.64 -41.33 3.67
CA GLU A 119 29.84 -40.63 4.10
C GLU A 119 29.60 -39.89 5.41
N ILE A 120 30.65 -39.75 6.20
CA ILE A 120 30.69 -38.86 7.35
C ILE A 120 31.88 -37.93 7.11
N LEU A 121 31.60 -36.64 6.93
CA LEU A 121 32.58 -35.67 6.47
C LEU A 121 32.83 -34.62 7.54
N THR A 122 34.03 -34.03 7.51
CA THR A 122 34.40 -32.94 8.39
C THR A 122 34.75 -31.72 7.54
N GLU A 123 34.14 -30.58 7.88
CA GLU A 123 34.37 -29.32 7.17
C GLU A 123 34.80 -28.27 8.17
N HIS A 124 35.92 -27.61 7.90
CA HIS A 124 36.40 -26.53 8.74
C HIS A 124 35.80 -25.21 8.27
N TYR A 125 35.65 -24.27 9.20
CA TYR A 125 35.09 -22.96 8.88
C TYR A 125 35.82 -21.89 9.67
N ASP A 126 35.78 -20.68 9.12
CA ASP A 126 36.14 -19.47 9.84
C ASP A 126 34.92 -18.77 10.44
N LYS A 127 33.82 -18.70 9.70
CA LYS A 127 32.55 -18.22 10.20
C LYS A 127 31.47 -19.25 9.86
N LEU A 128 30.46 -19.35 10.72
CA LEU A 128 29.37 -20.30 10.54
C LEU A 128 28.04 -19.56 10.72
N ILE A 129 27.14 -19.75 9.75
CA ILE A 129 25.82 -19.13 9.76
C ILE A 129 24.79 -20.24 9.92
N LEU A 130 24.01 -20.18 11.00
CA LEU A 130 22.95 -21.14 11.25
C LEU A 130 21.64 -20.59 10.70
N SER A 131 21.08 -21.27 9.71
CA SER A 131 19.76 -20.93 9.18
C SER A 131 18.95 -22.20 8.98
N PRO A 132 18.83 -23.05 10.00
CA PRO A 132 18.13 -24.34 9.83
C PRO A 132 16.62 -24.23 9.82
N GLY A 133 16.06 -23.05 10.09
CA GLY A 133 14.62 -22.88 9.96
C GLY A 133 13.84 -23.52 11.09
N ALA A 134 12.65 -24.00 10.74
CA ALA A 134 11.72 -24.55 11.72
C ALA A 134 11.29 -25.95 11.29
N LYS A 135 10.71 -26.69 12.23
CA LYS A 135 10.18 -28.01 11.98
C LYS A 135 8.73 -28.08 12.46
N PRO A 136 7.92 -28.96 11.87
CA PRO A 136 6.52 -29.06 12.30
C PRO A 136 6.40 -29.47 13.75
N PHE A 137 5.50 -28.83 14.47
CA PHE A 137 5.10 -29.31 15.78
C PHE A 137 4.23 -30.55 15.60
N VAL A 138 4.66 -31.68 16.14
CA VAL A 138 3.95 -32.94 16.02
C VAL A 138 3.03 -33.07 17.23
N PRO A 139 1.72 -32.96 17.07
CA PRO A 139 0.82 -33.04 18.22
C PRO A 139 0.72 -34.47 18.74
N PRO A 140 0.28 -34.66 19.98
CA PRO A 140 0.26 -36.02 20.58
C PRO A 140 -1.05 -36.75 20.31
N ILE A 141 -1.31 -37.03 19.04
CA ILE A 141 -2.52 -37.73 18.61
C ILE A 141 -2.18 -39.19 18.42
N THR A 142 -3.02 -40.08 18.94
CA THR A 142 -2.73 -41.51 18.90
C THR A 142 -2.85 -42.04 17.47
N GLY A 143 -2.01 -43.02 17.16
CA GLY A 143 -2.01 -43.64 15.85
C GLY A 143 -1.26 -42.87 14.78
N LEU A 144 -0.47 -41.87 15.16
CA LEU A 144 0.20 -41.05 14.16
C LEU A 144 1.22 -41.86 13.36
N ALA A 145 1.96 -42.73 14.02
CA ALA A 145 2.99 -43.51 13.33
C ALA A 145 2.37 -44.54 12.39
N GLU A 146 1.24 -45.12 12.76
CA GLU A 146 0.57 -46.10 11.92
C GLU A 146 -0.35 -45.48 10.88
N ALA A 147 -0.57 -44.17 10.93
CA ALA A 147 -1.40 -43.50 9.95
C ALA A 147 -0.62 -43.34 8.64
N LYS A 148 -1.30 -43.61 7.53
CA LYS A 148 -0.69 -43.59 6.21
C LYS A 148 -1.18 -42.45 5.32
N ASN A 149 -2.16 -41.67 5.78
CA ASN A 149 -2.73 -40.58 4.99
C ASN A 149 -2.51 -39.22 5.65
N VAL A 150 -1.53 -39.12 6.54
CA VAL A 150 -1.25 -37.89 7.30
C VAL A 150 0.10 -37.35 6.84
N PHE A 151 0.12 -36.07 6.47
CA PHE A 151 1.32 -35.46 5.92
C PHE A 151 1.43 -34.01 6.35
N SER A 152 2.66 -33.53 6.48
CA SER A 152 2.98 -32.12 6.49
C SER A 152 3.48 -31.72 5.11
N LEU A 153 3.40 -30.43 4.81
CA LEU A 153 3.78 -29.91 3.49
C LEU A 153 4.70 -28.70 3.68
N ARG A 154 6.00 -28.98 3.83
CA ARG A 154 6.99 -27.93 4.05
C ARG A 154 8.17 -27.98 3.07
N ASN A 155 8.27 -29.00 2.23
CA ASN A 155 9.38 -29.11 1.30
C ASN A 155 8.98 -30.09 0.19
N VAL A 156 9.89 -30.32 -0.74
CA VAL A 156 9.63 -31.17 -1.90
C VAL A 156 9.49 -32.63 -1.45
N PRO A 157 10.36 -33.14 -0.59
CA PRO A 157 10.13 -34.49 -0.05
C PRO A 157 8.74 -34.67 0.55
N ASP A 158 8.24 -33.66 1.26
CA ASP A 158 6.86 -33.71 1.76
C ASP A 158 5.87 -33.73 0.60
N LEU A 159 6.09 -32.90 -0.42
CA LEU A 159 5.19 -32.86 -1.56
C LEU A 159 5.17 -34.22 -2.28
N ASP A 160 6.33 -34.86 -2.41
CA ASP A 160 6.37 -36.16 -3.07
C ASP A 160 5.46 -37.16 -2.37
N GLN A 161 5.41 -37.12 -1.04
CA GLN A 161 4.52 -38.02 -0.31
C GLN A 161 3.06 -37.65 -0.52
N ILE A 162 2.75 -36.35 -0.57
CA ILE A 162 1.36 -35.93 -0.70
C ILE A 162 0.82 -36.28 -2.08
N MET A 163 1.65 -36.24 -3.11
CA MET A 163 1.18 -36.55 -4.45
C MET A 163 0.74 -38.01 -4.59
N THR A 164 1.24 -38.89 -3.73
CA THR A 164 0.77 -40.27 -3.73
C THR A 164 -0.64 -40.39 -3.16
N ALA A 165 -1.10 -39.40 -2.40
CA ALA A 165 -2.43 -39.41 -1.82
C ALA A 165 -3.45 -38.67 -2.67
N LEU A 166 -3.01 -37.86 -3.64
CA LEU A 166 -3.92 -37.12 -4.50
C LEU A 166 -4.19 -37.93 -5.76
N THR A 167 -5.02 -38.95 -5.59
CA THR A 167 -5.41 -39.88 -6.63
C THR A 167 -6.84 -39.59 -7.07
N PRO A 168 -7.27 -40.19 -8.19
CA PRO A 168 -8.69 -40.05 -8.59
C PRO A 168 -9.66 -40.59 -7.57
N GLU A 169 -9.23 -41.49 -6.69
CA GLU A 169 -10.10 -42.05 -5.66
C GLU A 169 -10.18 -41.21 -4.39
N THR A 170 -9.30 -40.21 -4.24
CA THR A 170 -9.34 -39.34 -3.09
C THR A 170 -10.52 -38.37 -3.19
N LYS A 171 -11.36 -38.35 -2.17
CA LYS A 171 -12.53 -37.47 -2.14
C LYS A 171 -12.57 -36.56 -0.92
N ARG A 172 -12.16 -37.05 0.25
CA ARG A 172 -12.27 -36.30 1.49
C ARG A 172 -10.89 -36.01 2.05
N ALA A 173 -10.65 -34.75 2.42
CA ALA A 173 -9.41 -34.32 3.01
C ALA A 173 -9.71 -33.52 4.27
N VAL A 174 -8.80 -33.60 5.23
CA VAL A 174 -8.93 -32.88 6.50
C VAL A 174 -7.65 -32.08 6.71
N VAL A 175 -7.79 -30.81 7.08
CA VAL A 175 -6.67 -29.97 7.46
C VAL A 175 -6.81 -29.68 8.95
N ILE A 176 -5.80 -30.05 9.72
CA ILE A 176 -5.77 -29.83 11.17
C ILE A 176 -4.90 -28.60 11.43
N GLY A 177 -5.52 -27.57 11.98
CA GLY A 177 -4.84 -26.29 12.19
C GLY A 177 -5.33 -25.27 11.17
N ALA A 178 -5.95 -24.19 11.66
CA ALA A 178 -6.58 -23.19 10.81
C ALA A 178 -5.84 -21.86 10.84
N GLY A 179 -4.51 -21.91 10.88
CA GLY A 179 -3.70 -20.72 10.75
C GLY A 179 -3.65 -20.25 9.30
N PHE A 180 -2.76 -19.28 9.06
CA PHE A 180 -2.61 -18.75 7.71
C PHE A 180 -2.25 -19.84 6.72
N ILE A 181 -1.27 -20.68 7.06
CA ILE A 181 -0.87 -21.75 6.15
C ILE A 181 -1.94 -22.82 6.08
N GLY A 182 -2.60 -23.09 7.21
CA GLY A 182 -3.67 -24.09 7.21
C GLY A 182 -4.79 -23.74 6.25
N LEU A 183 -5.14 -22.46 6.14
CA LEU A 183 -6.19 -22.05 5.23
C LEU A 183 -5.75 -22.16 3.77
N GLU A 184 -4.50 -21.81 3.47
CA GLU A 184 -4.01 -22.00 2.11
C GLU A 184 -4.10 -23.46 1.70
N MET A 185 -3.79 -24.38 2.62
CA MET A 185 -3.93 -25.80 2.33
C MET A 185 -5.39 -26.16 2.06
N ALA A 186 -6.30 -25.66 2.89
CA ALA A 186 -7.71 -26.01 2.72
C ALA A 186 -8.26 -25.45 1.42
N GLU A 187 -7.90 -24.20 1.08
CA GLU A 187 -8.41 -23.60 -0.14
C GLU A 187 -7.92 -24.37 -1.37
N ASN A 188 -6.63 -24.70 -1.39
CA ASN A 188 -6.08 -25.38 -2.56
C ASN A 188 -6.53 -26.82 -2.66
N LEU A 189 -6.81 -27.47 -1.51
CA LEU A 189 -7.37 -28.82 -1.57
C LEU A 189 -8.80 -28.79 -2.09
N GLN A 190 -9.58 -27.77 -1.70
CA GLN A 190 -10.94 -27.64 -2.22
C GLN A 190 -10.94 -27.42 -3.72
N LYS A 191 -9.99 -26.63 -4.23
CA LYS A 191 -9.88 -26.40 -5.66
C LYS A 191 -9.44 -27.64 -6.41
N ARG A 192 -8.87 -28.62 -5.71
CA ARG A 192 -8.58 -29.94 -6.28
C ARG A 192 -9.84 -30.79 -6.41
N GLY A 193 -10.98 -30.30 -5.93
CA GLY A 193 -12.23 -31.03 -6.04
C GLY A 193 -12.58 -31.89 -4.85
N LEU A 194 -11.86 -31.75 -3.74
CA LEU A 194 -12.04 -32.60 -2.57
C LEU A 194 -13.04 -32.00 -1.60
N GLU A 195 -13.69 -32.87 -0.83
CA GLU A 195 -14.51 -32.46 0.31
C GLU A 195 -13.55 -32.19 1.47
N VAL A 196 -13.40 -30.92 1.84
CA VAL A 196 -12.39 -30.50 2.80
C VAL A 196 -13.07 -30.10 4.10
N THR A 197 -12.51 -30.55 5.21
CA THR A 197 -12.93 -30.13 6.55
C THR A 197 -11.71 -29.58 7.28
N LEU A 198 -11.93 -28.51 8.03
CA LEU A 198 -10.86 -27.82 8.76
C LEU A 198 -11.12 -27.98 10.25
N VAL A 199 -10.09 -28.38 10.98
CA VAL A 199 -10.18 -28.63 12.42
C VAL A 199 -9.15 -27.74 13.11
N GLU A 200 -9.62 -26.90 14.03
CA GLU A 200 -8.77 -25.98 14.78
C GLU A 200 -9.01 -26.18 16.27
N LYS A 201 -7.92 -26.27 17.03
CA LYS A 201 -8.04 -26.40 18.48
C LYS A 201 -8.57 -25.13 19.11
N ALA A 202 -8.16 -23.97 18.59
CA ALA A 202 -8.58 -22.67 19.10
C ALA A 202 -10.08 -22.47 18.87
N PRO A 203 -10.66 -21.40 19.45
CA PRO A 203 -12.11 -21.21 19.32
C PRO A 203 -12.56 -20.69 17.96
N HIS A 204 -11.64 -20.25 17.10
CA HIS A 204 -12.02 -19.71 15.81
C HIS A 204 -10.87 -19.88 14.83
N VAL A 205 -11.18 -19.81 13.54
CA VAL A 205 -10.14 -19.88 12.52
C VAL A 205 -9.25 -18.64 12.62
N LEU A 206 -8.05 -18.77 12.04
CA LEU A 206 -7.01 -17.75 12.14
C LEU A 206 -6.89 -17.27 13.58
N PRO A 207 -6.26 -18.05 14.45
CA PRO A 207 -6.03 -17.60 15.83
C PRO A 207 -5.36 -16.23 15.88
N PRO A 208 -4.42 -15.94 14.97
CA PRO A 208 -3.78 -14.61 15.01
C PRO A 208 -4.74 -13.45 14.96
N LEU A 209 -5.93 -13.63 14.39
CA LEU A 209 -6.91 -12.56 14.29
C LEU A 209 -7.81 -12.55 15.52
N ASP A 210 -8.51 -11.43 15.69
CA ASP A 210 -9.51 -11.32 16.74
C ASP A 210 -10.81 -11.97 16.29
N GLU A 211 -11.60 -12.41 17.28
CA GLU A 211 -12.75 -13.26 16.99
C GLU A 211 -13.70 -12.64 15.98
N GLU A 212 -14.00 -11.35 16.13
CA GLU A 212 -14.99 -10.72 15.23
C GLU A 212 -14.46 -10.58 13.81
N MET A 213 -13.14 -10.49 13.64
CA MET A 213 -12.56 -10.44 12.30
C MET A 213 -12.51 -11.82 11.66
N ALA A 214 -12.16 -12.84 12.44
CA ALA A 214 -12.11 -14.20 11.91
C ALA A 214 -13.48 -14.69 11.46
N ALA A 215 -14.56 -14.11 11.99
CA ALA A 215 -15.89 -14.54 11.61
C ALA A 215 -16.14 -14.32 10.12
N PHE A 216 -15.55 -13.28 9.53
CA PHE A 216 -15.71 -13.07 8.10
C PHE A 216 -15.05 -14.18 7.29
N VAL A 217 -13.97 -14.77 7.83
CA VAL A 217 -13.27 -15.84 7.12
C VAL A 217 -14.08 -17.13 7.18
N LYS A 218 -14.66 -17.44 8.34
CA LYS A 218 -15.47 -18.64 8.46
C LYS A 218 -16.69 -18.57 7.55
N ALA A 219 -17.25 -17.36 7.38
CA ALA A 219 -18.37 -17.19 6.45
C ALA A 219 -17.96 -17.50 5.02
N GLU A 220 -16.76 -17.08 4.62
CA GLU A 220 -16.29 -17.37 3.27
C GLU A 220 -15.99 -18.85 3.10
N LEU A 221 -15.44 -19.49 4.15
CA LEU A 221 -15.18 -20.92 4.09
C LEU A 221 -16.48 -21.70 3.92
N SER A 222 -17.51 -21.34 4.69
CA SER A 222 -18.79 -22.04 4.59
C SER A 222 -19.47 -21.77 3.26
N LYS A 223 -19.34 -20.54 2.74
CA LYS A 223 -19.89 -20.22 1.43
C LYS A 223 -19.30 -21.10 0.34
N ASN A 224 -18.09 -21.62 0.55
CA ASN A 224 -17.41 -22.47 -0.44
C ASN A 224 -17.39 -23.94 -0.01
N ASN A 225 -18.33 -24.35 0.83
CA ASN A 225 -18.51 -25.76 1.18
C ASN A 225 -17.27 -26.34 1.85
N VAL A 226 -16.66 -25.57 2.73
CA VAL A 226 -15.56 -26.05 3.57
C VAL A 226 -16.09 -26.13 4.98
N GLN A 227 -16.22 -27.34 5.51
CA GLN A 227 -16.70 -27.51 6.87
C GLN A 227 -15.62 -27.08 7.85
N VAL A 228 -16.03 -26.42 8.92
CA VAL A 228 -15.13 -25.88 9.93
C VAL A 228 -15.53 -26.44 11.28
N ILE A 229 -14.55 -26.96 12.01
CA ILE A 229 -14.74 -27.47 13.36
C ILE A 229 -13.74 -26.73 14.24
N THR A 230 -14.25 -25.91 15.16
CA THR A 230 -13.42 -25.10 16.03
C THR A 230 -13.59 -25.52 17.49
N GLY A 231 -12.61 -25.15 18.30
CA GLY A 231 -12.64 -25.45 19.71
C GLY A 231 -12.58 -26.91 20.07
N GLN A 232 -12.03 -27.74 19.18
CA GLN A 232 -11.97 -29.18 19.42
C GLN A 232 -10.68 -29.74 18.83
N SER A 233 -10.07 -30.66 19.55
CA SER A 233 -8.82 -31.30 19.14
C SER A 233 -9.10 -32.69 18.58
N ALA A 234 -8.10 -33.24 17.89
CA ALA A 234 -8.17 -34.60 17.36
C ALA A 234 -7.52 -35.55 18.34
N VAL A 235 -8.27 -36.58 18.76
CA VAL A 235 -7.78 -37.47 19.80
C VAL A 235 -7.00 -38.65 19.22
N ALA A 236 -7.38 -39.15 18.05
CA ALA A 236 -6.76 -40.37 17.54
C ALA A 236 -6.92 -40.47 16.03
N PHE A 237 -5.92 -41.10 15.41
CA PHE A 237 -6.00 -41.52 14.01
C PHE A 237 -6.28 -43.02 13.99
N GLU A 238 -7.50 -43.39 13.61
CA GLU A 238 -7.93 -44.78 13.60
C GLU A 238 -7.99 -45.31 12.17
N GLU A 239 -7.85 -46.62 12.05
CA GLU A 239 -7.91 -47.30 10.76
C GLU A 239 -6.89 -46.71 9.79
N GLU A 240 -5.64 -46.65 10.23
CA GLU A 240 -4.51 -46.17 9.43
C GLU A 240 -4.71 -44.73 8.96
N GLY A 241 -5.51 -43.95 9.66
CA GLY A 241 -5.76 -42.56 9.34
C GLY A 241 -7.04 -42.30 8.58
N GLN A 242 -7.73 -43.34 8.12
CA GLN A 242 -8.97 -43.15 7.39
C GLN A 242 -10.10 -42.64 8.26
N VAL A 243 -9.94 -42.68 9.59
CA VAL A 243 -10.92 -42.14 10.52
C VAL A 243 -10.18 -41.28 11.53
N ILE A 244 -10.66 -40.06 11.74
CA ILE A 244 -10.12 -39.14 12.73
C ILE A 244 -11.22 -38.89 13.75
N ARG A 245 -10.97 -39.22 15.01
CA ARG A 245 -11.94 -39.02 16.08
C ARG A 245 -11.59 -37.75 16.84
N LEU A 246 -12.62 -36.99 17.19
CA LEU A 246 -12.50 -35.74 17.91
C LEU A 246 -12.96 -35.92 19.34
N GLU A 247 -12.53 -35.00 20.21
CA GLU A 247 -12.78 -35.14 21.64
C GLU A 247 -14.26 -35.33 21.94
N ASP A 248 -15.12 -34.66 21.18
CA ASP A 248 -16.57 -34.80 21.38
C ASP A 248 -17.06 -36.22 21.08
N GLY A 249 -16.21 -37.09 20.56
CA GLY A 249 -16.63 -38.39 20.08
C GLY A 249 -17.00 -38.42 18.62
N GLN A 250 -17.11 -37.26 17.99
CA GLN A 250 -17.43 -37.19 16.57
C GLN A 250 -16.27 -37.74 15.74
N THR A 251 -16.61 -38.42 14.65
CA THR A 251 -15.63 -39.03 13.76
C THR A 251 -15.68 -38.38 12.39
N LEU A 252 -14.51 -38.29 11.75
CA LEU A 252 -14.37 -37.70 10.43
C LEU A 252 -13.71 -38.72 9.50
N ALA A 253 -14.29 -38.91 8.33
CA ALA A 253 -13.67 -39.73 7.29
C ALA A 253 -12.66 -38.88 6.52
N SER A 254 -11.47 -39.44 6.28
CA SER A 254 -10.41 -38.69 5.62
C SER A 254 -9.62 -39.62 4.72
N ASP A 255 -9.46 -39.21 3.46
CA ASP A 255 -8.54 -39.86 2.53
C ASP A 255 -7.17 -39.19 2.51
N LEU A 256 -7.05 -38.01 3.12
CA LEU A 256 -5.81 -37.25 3.12
C LEU A 256 -5.90 -36.22 4.24
N THR A 257 -4.90 -36.22 5.13
CA THR A 257 -4.88 -35.32 6.28
C THR A 257 -3.60 -34.49 6.25
N ILE A 258 -3.74 -33.18 6.31
CA ILE A 258 -2.62 -32.26 6.37
C ILE A 258 -2.50 -31.71 7.78
N LEU A 259 -1.33 -31.86 8.39
CA LEU A 259 -1.06 -31.32 9.71
C LEU A 259 -0.38 -29.97 9.53
N SER A 260 -1.09 -28.90 9.87
CA SER A 260 -0.56 -27.54 9.83
C SER A 260 -0.84 -26.86 11.17
N VAL A 261 -0.22 -27.40 12.22
CA VAL A 261 -0.46 -26.97 13.59
C VAL A 261 0.73 -26.18 14.11
N GLY A 262 1.38 -25.42 13.23
CA GLY A 262 2.49 -24.57 13.61
C GLY A 262 3.82 -25.30 13.59
N VAL A 263 4.88 -24.51 13.78
CA VAL A 263 6.24 -25.02 13.70
C VAL A 263 7.01 -24.55 14.92
N GLN A 264 8.12 -25.25 15.19
CA GLN A 264 9.03 -24.93 16.27
C GLN A 264 10.44 -24.83 15.71
N PRO A 265 11.30 -24.00 16.32
CA PRO A 265 12.66 -23.84 15.78
C PRO A 265 13.42 -25.16 15.72
N GLU A 266 14.16 -25.34 14.63
CA GLU A 266 15.00 -26.52 14.43
C GLU A 266 16.33 -26.24 15.14
N ASN A 267 16.38 -26.60 16.42
CA ASN A 267 17.48 -26.20 17.30
C ASN A 267 18.32 -27.37 17.80
N THR A 268 18.03 -28.60 17.35
CA THR A 268 18.73 -29.75 17.90
C THR A 268 20.25 -29.62 17.72
N LEU A 269 20.68 -29.09 16.58
CA LEU A 269 22.11 -28.93 16.32
C LEU A 269 22.72 -27.88 17.24
N ALA A 270 22.04 -26.75 17.41
CA ALA A 270 22.57 -25.69 18.27
C ALA A 270 22.72 -26.17 19.70
N VAL A 271 21.70 -26.84 20.23
CA VAL A 271 21.76 -27.31 21.62
C VAL A 271 22.97 -28.20 21.83
N GLU A 272 23.16 -29.17 20.94
CA GLU A 272 24.27 -30.10 21.10
C GLU A 272 25.63 -29.43 20.99
N ALA A 273 25.70 -28.22 20.41
CA ALA A 273 26.95 -27.52 20.21
C ALA A 273 27.20 -26.44 21.26
N GLY A 274 26.34 -26.34 22.27
CA GLY A 274 26.52 -25.33 23.30
C GLY A 274 26.04 -23.95 22.90
N VAL A 275 25.22 -23.85 21.87
CA VAL A 275 24.62 -22.57 21.48
C VAL A 275 23.39 -22.33 22.34
N ALA A 276 23.31 -21.14 22.94
CA ALA A 276 22.23 -20.83 23.86
C ALA A 276 20.91 -20.68 23.11
N THR A 277 19.83 -21.10 23.75
CA THR A 277 18.49 -20.99 23.19
C THR A 277 17.58 -20.26 24.17
N GLY A 278 16.46 -19.75 23.64
CA GLY A 278 15.52 -19.02 24.46
C GLY A 278 14.08 -19.40 24.19
N LEU A 279 13.22 -18.39 23.99
CA LEU A 279 11.79 -18.61 23.86
C LEU A 279 11.47 -19.71 22.86
N ARG A 280 10.66 -20.67 23.30
CA ARG A 280 10.18 -21.77 22.47
C ARG A 280 11.32 -22.51 21.78
N GLY A 281 12.51 -22.47 22.39
CA GLY A 281 13.67 -23.14 21.85
C GLY A 281 14.40 -22.39 20.77
N GLY A 282 14.00 -21.16 20.47
CA GLY A 282 14.69 -20.40 19.44
C GLY A 282 16.13 -20.08 19.84
N ILE A 283 16.96 -19.88 18.83
CA ILE A 283 18.37 -19.56 19.05
C ILE A 283 18.50 -18.09 19.43
N VAL A 284 19.25 -17.81 20.48
CA VAL A 284 19.47 -16.45 20.93
C VAL A 284 20.60 -15.83 20.13
N VAL A 285 20.39 -14.58 19.69
CA VAL A 285 21.39 -13.82 18.94
C VAL A 285 21.41 -12.39 19.44
N ASP A 286 22.55 -11.73 19.25
CA ASP A 286 22.74 -10.36 19.71
C ASP A 286 22.40 -9.37 18.59
N GLU A 287 22.83 -8.12 18.73
CA GLU A 287 22.51 -7.10 17.74
C GLU A 287 23.17 -7.34 16.40
N HIS A 288 24.16 -8.24 16.34
CA HIS A 288 24.85 -8.57 15.10
C HIS A 288 24.60 -10.01 14.67
N TYR A 289 23.48 -10.60 15.10
CA TYR A 289 23.08 -11.95 14.72
C TYR A 289 24.03 -13.01 15.24
N GLN A 290 24.88 -12.69 16.21
CA GLN A 290 25.85 -13.63 16.72
C GLN A 290 25.31 -14.38 17.93
N THR A 291 25.61 -15.67 18.00
CA THR A 291 25.23 -16.50 19.12
C THR A 291 26.22 -16.30 20.26
N ASN A 292 26.07 -17.10 21.32
CA ASN A 292 27.03 -17.06 22.42
C ASN A 292 28.34 -17.74 22.09
N GLN A 293 28.43 -18.43 20.95
CA GLN A 293 29.67 -19.09 20.57
C GLN A 293 30.45 -18.23 19.58
N PRO A 294 31.78 -18.17 19.70
CA PRO A 294 32.57 -17.34 18.79
C PRO A 294 32.40 -17.78 17.34
N ASP A 295 32.15 -16.81 16.46
CA ASP A 295 32.12 -16.99 15.02
C ASP A 295 30.96 -17.85 14.54
N ILE A 296 29.90 -17.98 15.35
CA ILE A 296 28.68 -18.69 14.95
C ILE A 296 27.54 -17.69 15.01
N TYR A 297 26.89 -17.48 13.87
CA TYR A 297 25.76 -16.58 13.73
C TYR A 297 24.51 -17.37 13.41
N ALA A 298 23.36 -16.71 13.46
CA ALA A 298 22.09 -17.37 13.20
C ALA A 298 21.07 -16.37 12.68
N VAL A 299 20.18 -16.84 11.81
CA VAL A 299 19.13 -16.03 11.20
C VAL A 299 17.96 -16.94 10.85
N GLY A 300 16.85 -16.33 10.47
CA GLY A 300 15.71 -17.07 9.95
C GLY A 300 14.69 -17.43 11.02
N ASP A 301 13.87 -18.43 10.67
CA ASP A 301 12.83 -18.92 11.58
C ASP A 301 13.41 -19.50 12.86
N ALA A 302 14.70 -19.85 12.87
CA ALA A 302 15.28 -20.56 14.00
C ALA A 302 15.67 -19.65 15.15
N ILE A 303 15.70 -18.33 14.96
CA ILE A 303 16.23 -17.43 15.97
C ILE A 303 15.10 -16.70 16.67
N VAL A 304 15.34 -16.32 17.92
CA VAL A 304 14.45 -15.45 18.66
C VAL A 304 14.67 -14.02 18.17
N VAL A 305 13.58 -13.36 17.78
CA VAL A 305 13.64 -11.97 17.34
C VAL A 305 12.95 -11.10 18.39
N LYS A 306 13.12 -9.79 18.24
CA LYS A 306 12.50 -8.82 19.14
C LYS A 306 11.23 -8.28 18.48
N GLN A 307 10.09 -8.55 19.11
CA GLN A 307 8.85 -7.91 18.71
C GLN A 307 8.97 -6.42 19.01
N GLN A 308 9.02 -5.60 17.96
CA GLN A 308 9.37 -4.19 18.15
C GLN A 308 8.28 -3.42 18.87
N ILE A 309 7.03 -3.87 18.76
CA ILE A 309 5.93 -3.15 19.41
C ILE A 309 6.03 -3.24 20.92
N THR A 310 6.52 -4.37 21.44
CA THR A 310 6.65 -4.60 22.87
C THR A 310 8.09 -4.66 23.35
N GLN A 311 9.06 -4.76 22.44
CA GLN A 311 10.48 -4.90 22.80
C GLN A 311 10.73 -6.20 23.56
N GLU A 312 9.87 -7.20 23.37
CA GLU A 312 9.97 -8.50 24.01
C GLU A 312 10.31 -9.58 23.00
N ASP A 313 10.87 -10.68 23.50
CA ASP A 313 11.25 -11.79 22.64
C ASP A 313 10.03 -12.38 21.94
N ALA A 314 10.25 -12.90 20.74
CA ALA A 314 9.17 -13.47 19.96
C ALA A 314 9.75 -14.33 18.85
N LEU A 315 8.89 -15.19 18.30
CA LEU A 315 9.20 -15.98 17.12
C LEU A 315 8.27 -15.52 15.99
N ILE A 316 8.85 -14.99 14.92
CA ILE A 316 8.11 -14.47 13.78
C ILE A 316 8.62 -15.24 12.56
N SER A 317 7.97 -16.36 12.26
CA SER A 317 8.43 -17.29 11.22
C SER A 317 7.84 -16.88 9.87
N LEU A 318 8.46 -15.88 9.26
CA LEU A 318 8.00 -15.32 8.00
C LEU A 318 9.19 -15.13 7.07
N ALA A 319 8.90 -15.12 5.76
CA ALA A 319 9.96 -15.11 4.76
C ALA A 319 10.64 -13.75 4.67
N SER A 320 9.87 -12.66 4.80
CA SER A 320 10.47 -11.34 4.64
C SER A 320 11.53 -11.06 5.70
N PRO A 321 11.28 -11.25 6.99
CA PRO A 321 12.37 -11.12 7.97
C PRO A 321 13.55 -12.02 7.70
N ALA A 322 13.30 -13.29 7.35
CA ALA A 322 14.40 -14.23 7.11
C ALA A 322 15.31 -13.74 5.99
N ASN A 323 14.72 -13.28 4.88
CA ASN A 323 15.52 -12.74 3.78
C ASN A 323 16.34 -11.53 4.23
N ARG A 324 15.72 -10.64 5.02
CA ARG A 324 16.44 -9.47 5.49
C ARG A 324 17.57 -9.85 6.43
N GLN A 325 17.29 -10.76 7.36
CA GLN A 325 18.31 -11.18 8.33
C GLN A 325 19.52 -11.80 7.62
N GLY A 326 19.27 -12.65 6.62
CA GLY A 326 20.37 -13.27 5.92
C GLY A 326 21.25 -12.27 5.21
N ARG A 327 20.63 -11.27 4.57
CA ARG A 327 21.39 -10.23 3.89
C ARG A 327 22.20 -9.41 4.87
N GLN A 328 21.68 -9.21 6.08
CA GLN A 328 22.34 -8.33 7.05
C GLN A 328 23.46 -9.06 7.79
N VAL A 329 23.32 -10.36 8.04
CA VAL A 329 24.43 -11.07 8.67
C VAL A 329 25.62 -11.16 7.74
N ALA A 330 25.37 -11.20 6.42
CA ALA A 330 26.47 -11.09 5.46
C ALA A 330 27.17 -9.74 5.60
N ASP A 331 26.40 -8.65 5.67
CA ASP A 331 26.98 -7.34 5.92
C ASP A 331 27.84 -7.36 7.18
N VAL A 332 27.34 -7.99 8.25
CA VAL A 332 28.08 -8.05 9.50
C VAL A 332 29.40 -8.79 9.30
N ILE A 333 29.34 -9.98 8.69
CA ILE A 333 30.54 -10.80 8.54
C ILE A 333 31.55 -10.13 7.63
N ALA A 334 31.09 -9.31 6.68
CA ALA A 334 31.99 -8.61 5.78
C ALA A 334 32.56 -7.33 6.38
N GLY A 335 32.17 -6.98 7.60
CA GLY A 335 32.74 -5.82 8.26
C GLY A 335 31.92 -4.56 8.20
N LEU A 336 30.70 -4.62 7.66
CA LEU A 336 29.83 -3.45 7.62
C LEU A 336 29.09 -3.29 8.94
N GLU A 337 28.70 -2.05 9.24
CA GLU A 337 27.92 -1.76 10.43
C GLU A 337 26.45 -2.00 10.13
N ARG A 338 25.90 -3.09 10.66
CA ARG A 338 24.50 -3.44 10.46
C ARG A 338 23.95 -4.01 11.76
N LYS A 339 22.74 -3.62 12.11
CA LYS A 339 22.12 -3.99 13.37
C LYS A 339 20.91 -4.89 13.16
N ASN A 340 20.75 -5.85 14.07
CA ASN A 340 19.57 -6.72 14.11
C ASN A 340 18.49 -5.99 14.91
N GLN A 341 17.52 -5.43 14.19
CA GLN A 341 16.58 -4.47 14.80
C GLN A 341 15.27 -5.09 15.27
N GLY A 342 14.83 -6.18 14.66
CA GLY A 342 13.63 -6.87 15.09
C GLY A 342 12.57 -6.89 13.99
N SER A 343 11.37 -7.30 14.39
CA SER A 343 10.26 -7.44 13.46
C SER A 343 8.95 -7.15 14.20
N ILE A 344 7.88 -6.96 13.44
CA ILE A 344 6.56 -6.76 14.01
C ILE A 344 5.61 -7.86 13.53
N GLY A 345 5.90 -8.42 12.36
CA GLY A 345 5.08 -9.48 11.82
C GLY A 345 3.91 -8.98 10.99
N THR A 346 3.90 -9.33 9.72
CA THR A 346 2.84 -8.97 8.79
C THR A 346 2.48 -10.22 7.99
N ALA A 347 1.20 -10.60 8.01
CA ALA A 347 0.76 -11.84 7.41
C ALA A 347 -0.52 -11.60 6.61
N ILE A 348 -0.74 -12.48 5.64
CA ILE A 348 -1.87 -12.36 4.72
C ILE A 348 -2.22 -13.75 4.20
N VAL A 349 -3.51 -13.97 3.96
CA VAL A 349 -3.99 -15.19 3.34
C VAL A 349 -5.17 -14.85 2.45
N ARG A 350 -5.27 -15.55 1.32
CA ARG A 350 -6.39 -15.44 0.41
C ARG A 350 -7.31 -16.65 0.64
N VAL A 351 -8.55 -16.38 1.03
CA VAL A 351 -9.54 -17.44 1.26
C VAL A 351 -10.60 -17.30 0.18
N PHE A 352 -10.39 -17.97 -0.96
CA PHE A 352 -11.31 -17.88 -2.09
C PHE A 352 -11.46 -16.42 -2.53
N ASP A 353 -12.63 -15.83 -2.31
CA ASP A 353 -12.91 -14.47 -2.77
C ASP A 353 -12.67 -13.43 -1.69
N LEU A 354 -11.91 -13.77 -0.65
CA LEU A 354 -11.67 -12.87 0.46
C LEU A 354 -10.17 -12.85 0.77
N THR A 355 -9.73 -11.75 1.35
CA THR A 355 -8.34 -11.58 1.79
C THR A 355 -8.36 -11.19 3.25
N ALA A 356 -7.51 -11.84 4.05
CA ALA A 356 -7.36 -11.51 5.47
C ALA A 356 -5.89 -11.23 5.74
N ALA A 357 -5.62 -10.09 6.37
CA ALA A 357 -4.26 -9.68 6.66
C ALA A 357 -4.22 -9.02 8.04
N SER A 358 -3.03 -9.04 8.64
CA SER A 358 -2.83 -8.42 9.94
C SER A 358 -1.37 -8.02 10.07
N THR A 359 -1.14 -7.05 10.95
CA THR A 359 0.21 -6.61 11.25
C THR A 359 0.26 -6.20 12.71
N GLY A 360 1.41 -6.42 13.34
CA GLY A 360 1.53 -6.06 14.74
C GLY A 360 0.74 -7.00 15.63
N LEU A 361 0.06 -6.43 16.61
CA LEU A 361 -0.59 -7.19 17.67
C LEU A 361 -2.10 -7.08 17.55
N SER A 362 -2.78 -8.23 17.62
CA SER A 362 -4.23 -8.22 17.76
C SER A 362 -4.61 -7.63 19.11
N GLU A 363 -5.90 -7.34 19.26
CA GLU A 363 -6.39 -6.86 20.56
C GLU A 363 -6.07 -7.87 21.65
N ARG A 364 -6.36 -9.16 21.39
CA ARG A 364 -6.10 -10.19 22.39
C ARG A 364 -4.63 -10.26 22.75
N ALA A 365 -3.76 -10.29 21.73
CA ALA A 365 -2.32 -10.39 21.99
C ALA A 365 -1.78 -9.13 22.67
N ALA A 366 -2.33 -7.97 22.34
CA ALA A 366 -1.88 -6.74 23.00
C ALA A 366 -2.20 -6.77 24.49
N LYS A 367 -3.42 -7.19 24.84
CA LYS A 367 -3.80 -7.29 26.24
C LYS A 367 -2.98 -8.34 26.97
N ALA A 368 -2.76 -9.49 26.33
CA ALA A 368 -1.96 -10.54 26.94
C ALA A 368 -0.53 -10.09 27.22
N ALA A 369 -0.04 -9.10 26.49
CA ALA A 369 1.29 -8.55 26.71
C ALA A 369 1.31 -7.45 27.77
N GLY A 370 0.17 -7.15 28.38
CA GLY A 370 0.11 -6.12 29.40
C GLY A 370 -0.05 -4.71 28.88
N LEU A 371 -0.38 -4.54 27.60
CA LEU A 371 -0.55 -3.21 27.04
C LEU A 371 -1.93 -2.66 27.32
N THR A 372 -2.01 -1.34 27.46
CA THR A 372 -3.28 -0.63 27.59
C THR A 372 -3.80 -0.32 26.19
N THR A 373 -4.96 -0.89 25.84
CA THR A 373 -5.41 -0.89 24.46
C THR A 373 -6.80 -0.30 24.32
N ALA A 374 -7.02 0.34 23.17
CA ALA A 374 -8.33 0.68 22.65
C ALA A 374 -8.38 0.25 21.20
N VAL A 375 -9.60 0.11 20.67
CA VAL A 375 -9.78 -0.37 19.31
C VAL A 375 -10.90 0.41 18.63
N VAL A 376 -10.85 0.42 17.30
CA VAL A 376 -11.91 1.00 16.48
C VAL A 376 -12.04 0.17 15.22
N HIS A 377 -13.27 -0.01 14.74
CA HIS A 377 -13.56 -0.77 13.53
C HIS A 377 -14.11 0.17 12.47
N ILE A 378 -13.60 0.05 11.25
CA ILE A 378 -14.02 0.86 10.12
C ILE A 378 -14.51 -0.08 9.01
N SER A 379 -15.62 0.29 8.38
CA SER A 379 -16.20 -0.45 7.27
C SER A 379 -16.25 0.46 6.07
N GLY A 380 -15.39 0.22 5.08
CA GLY A 380 -15.31 1.07 3.92
C GLY A 380 -15.29 0.31 2.62
N LYS A 381 -14.82 0.97 1.56
CA LYS A 381 -14.68 0.39 0.24
C LYS A 381 -13.24 0.54 -0.22
N ASP A 382 -12.82 -0.36 -1.13
CA ASP A 382 -11.46 -0.30 -1.65
C ASP A 382 -11.26 0.89 -2.58
N HIS A 383 -12.32 1.42 -3.17
CA HIS A 383 -12.24 2.66 -3.94
C HIS A 383 -13.61 3.33 -3.93
N ALA A 384 -13.68 4.50 -4.57
CA ALA A 384 -14.89 5.30 -4.55
C ALA A 384 -16.10 4.49 -4.93
N GLY A 385 -17.21 4.74 -4.22
CA GLY A 385 -18.42 3.99 -4.47
C GLY A 385 -19.08 4.31 -5.81
N TYR A 386 -18.96 5.56 -6.25
CA TYR A 386 -19.55 5.94 -7.53
C TYR A 386 -18.81 5.35 -8.72
N TYR A 387 -17.63 4.75 -8.51
CA TYR A 387 -16.94 4.03 -9.57
C TYR A 387 -17.28 2.56 -9.47
N PRO A 388 -17.67 1.89 -10.57
CA PRO A 388 -18.16 0.52 -10.45
C PRO A 388 -17.09 -0.43 -9.94
N GLY A 389 -17.55 -1.51 -9.31
CA GLY A 389 -16.68 -2.56 -8.83
C GLY A 389 -16.18 -2.40 -7.41
N ALA A 390 -16.59 -1.35 -6.71
CA ALA A 390 -16.15 -1.16 -5.33
C ALA A 390 -16.66 -2.29 -4.45
N THR A 391 -15.80 -2.79 -3.58
CA THR A 391 -16.11 -3.88 -2.68
C THR A 391 -15.83 -3.45 -1.23
N ASP A 392 -16.44 -4.18 -0.30
CA ASP A 392 -16.37 -3.82 1.11
C ASP A 392 -15.01 -4.10 1.70
N LEU A 393 -14.63 -3.27 2.68
CA LEU A 393 -13.39 -3.40 3.43
C LEU A 393 -13.70 -3.31 4.92
N GLN A 394 -13.13 -4.23 5.70
CA GLN A 394 -13.23 -4.19 7.15
C GLN A 394 -11.83 -4.00 7.72
N LEU A 395 -11.63 -2.90 8.44
CA LEU A 395 -10.35 -2.61 9.07
C LEU A 395 -10.53 -2.45 10.57
N LYS A 396 -9.56 -2.94 11.33
CA LYS A 396 -9.52 -2.82 12.77
C LYS A 396 -8.17 -2.23 13.17
N LEU A 397 -8.18 -1.32 14.14
CA LEU A 397 -6.97 -0.70 14.64
C LEU A 397 -6.89 -0.93 16.14
N VAL A 398 -5.70 -1.30 16.61
CA VAL A 398 -5.42 -1.47 18.04
C VAL A 398 -4.37 -0.44 18.41
N PHE A 399 -4.70 0.44 19.34
CA PHE A 399 -3.85 1.58 19.66
C PHE A 399 -3.91 1.89 21.15
N HIS A 400 -3.00 2.76 21.58
CA HIS A 400 -2.99 3.22 22.97
C HIS A 400 -3.99 4.36 23.13
N PRO A 401 -4.87 4.31 24.12
CA PRO A 401 -5.97 5.29 24.19
C PRO A 401 -5.58 6.68 24.65
N THR A 402 -4.32 6.92 25.01
CA THR A 402 -3.89 8.26 25.40
C THR A 402 -2.81 8.81 24.48
N THR A 403 -1.81 8.01 24.16
CA THR A 403 -0.70 8.46 23.32
C THR A 403 -0.99 8.26 21.83
N GLY A 404 -1.92 7.37 21.48
CA GLY A 404 -2.20 7.08 20.09
C GLY A 404 -1.21 6.13 19.44
N GLU A 405 -0.27 5.59 20.19
CA GLU A 405 0.65 4.59 19.66
C GLU A 405 -0.12 3.44 19.04
N ILE A 406 0.29 3.01 17.85
CA ILE A 406 -0.39 1.95 17.12
C ILE A 406 0.27 0.62 17.46
N TYR A 407 -0.56 -0.34 17.88
CA TYR A 407 -0.08 -1.66 18.25
C TYR A 407 -0.31 -2.71 17.17
N GLY A 408 -1.33 -2.54 16.35
CA GLY A 408 -1.61 -3.51 15.30
C GLY A 408 -2.82 -3.09 14.49
N ALA A 409 -3.04 -3.81 13.40
CA ALA A 409 -4.21 -3.59 12.55
C ALA A 409 -4.54 -4.88 11.81
N GLN A 410 -5.83 -5.07 11.54
CA GLN A 410 -6.32 -6.23 10.83
C GLN A 410 -7.24 -5.79 9.71
N GLY A 411 -7.25 -6.57 8.63
CA GLY A 411 -8.06 -6.23 7.49
C GLY A 411 -8.76 -7.42 6.87
N ILE A 412 -9.98 -7.20 6.39
CA ILE A 412 -10.77 -8.23 5.72
C ILE A 412 -11.39 -7.60 4.47
N GLY A 413 -11.31 -8.31 3.35
CA GLY A 413 -11.94 -7.81 2.15
C GLY A 413 -11.52 -8.53 0.89
N ALA A 414 -12.30 -8.38 -0.17
CA ALA A 414 -11.94 -8.99 -1.45
C ALA A 414 -10.74 -8.29 -2.07
N LYS A 415 -10.67 -6.96 -1.95
CA LYS A 415 -9.62 -6.17 -2.56
C LYS A 415 -9.17 -5.07 -1.60
N GLY A 416 -7.95 -4.58 -1.83
CA GLY A 416 -7.43 -3.44 -1.11
C GLY A 416 -6.91 -3.73 0.28
N VAL A 417 -6.97 -4.98 0.74
CA VAL A 417 -6.55 -5.31 2.10
C VAL A 417 -5.04 -5.36 2.21
N ASP A 418 -4.38 -6.01 1.25
CA ASP A 418 -2.92 -6.05 1.27
C ASP A 418 -2.35 -4.64 1.29
N LYS A 419 -2.96 -3.72 0.54
CA LYS A 419 -2.47 -2.35 0.50
C LYS A 419 -2.63 -1.65 1.84
N ARG A 420 -3.83 -1.73 2.42
CA ARG A 420 -4.07 -1.02 3.67
C ARG A 420 -3.19 -1.55 4.80
N ILE A 421 -3.02 -2.87 4.89
CA ILE A 421 -2.23 -3.44 5.97
C ILE A 421 -0.74 -3.18 5.75
N ASP A 422 -0.29 -3.14 4.49
CA ASP A 422 1.09 -2.73 4.22
C ASP A 422 1.31 -1.30 4.64
N ILE A 423 0.36 -0.41 4.33
CA ILE A 423 0.45 0.99 4.74
C ILE A 423 0.57 1.09 6.25
N LEU A 424 -0.30 0.38 6.97
CA LEU A 424 -0.31 0.49 8.43
C LEU A 424 0.94 -0.15 9.03
N ALA A 425 1.42 -1.24 8.45
CA ALA A 425 2.70 -1.79 8.87
C ALA A 425 3.80 -0.74 8.71
N THR A 426 3.77 0.02 7.62
CA THR A 426 4.77 1.07 7.42
C THR A 426 4.61 2.18 8.44
N ALA A 427 3.37 2.52 8.81
CA ALA A 427 3.13 3.53 9.82
C ALA A 427 3.72 3.10 11.17
N ILE A 428 3.54 1.83 11.54
CA ILE A 428 4.10 1.36 12.79
C ILE A 428 5.63 1.46 12.77
N LYS A 429 6.25 1.07 11.65
CA LYS A 429 7.71 1.13 11.55
C LYS A 429 8.22 2.56 11.72
N GLY A 430 7.53 3.53 11.14
CA GLY A 430 7.86 4.93 11.34
C GLY A 430 7.38 5.51 12.64
N GLN A 431 6.72 4.69 13.47
CA GLN A 431 6.24 5.12 14.78
C GLN A 431 5.23 6.25 14.67
N LEU A 432 4.41 6.19 13.62
CA LEU A 432 3.31 7.13 13.47
C LEU A 432 2.19 6.75 14.42
N THR A 433 1.54 7.76 14.98
CA THR A 433 0.41 7.56 15.87
C THR A 433 -0.89 7.70 15.11
N ILE A 434 -2.00 7.44 15.81
CA ILE A 434 -3.31 7.65 15.20
C ILE A 434 -3.50 9.10 14.80
N PHE A 435 -2.77 10.02 15.42
CA PHE A 435 -2.89 11.42 15.05
C PHE A 435 -2.26 11.71 13.70
N ASP A 436 -1.35 10.85 13.24
CA ASP A 436 -0.69 11.01 11.96
C ASP A 436 -1.45 10.35 10.81
N LEU A 437 -2.27 9.33 11.09
CA LEU A 437 -2.96 8.64 10.01
C LEU A 437 -3.81 9.58 9.16
N PRO A 438 -4.53 10.55 9.70
CA PRO A 438 -5.27 11.49 8.83
C PRO A 438 -4.36 12.33 7.96
N GLU A 439 -3.08 12.44 8.31
CA GLU A 439 -2.13 13.25 7.54
C GLU A 439 -1.53 12.50 6.36
N LEU A 440 -1.70 11.18 6.29
CA LEU A 440 -1.14 10.41 5.19
C LEU A 440 -1.87 10.74 3.89
N GLU A 441 -1.10 10.86 2.81
CA GLU A 441 -1.63 11.15 1.49
C GLU A 441 -1.42 9.93 0.60
N PHE A 442 -2.51 9.35 0.14
CA PHE A 442 -2.47 8.13 -0.66
C PHE A 442 -2.81 8.45 -2.11
N THR A 443 -2.59 7.45 -2.96
CA THR A 443 -2.82 7.58 -4.40
C THR A 443 -4.33 7.52 -4.65
N TYR A 444 -4.97 8.68 -4.57
CA TYR A 444 -6.41 8.75 -4.75
C TYR A 444 -6.77 9.08 -6.19
N ALA A 445 -7.48 8.18 -6.83
CA ALA A 445 -8.25 8.44 -8.04
C ALA A 445 -9.42 7.47 -8.00
N PRO A 446 -10.54 7.81 -8.62
CA PRO A 446 -11.78 7.02 -8.41
C PRO A 446 -11.53 5.53 -8.54
N PRO A 447 -10.69 5.08 -9.47
CA PRO A 447 -10.44 3.63 -9.59
C PRO A 447 -9.62 3.04 -8.46
N PHE A 448 -8.89 3.84 -7.67
CA PHE A 448 -7.92 3.29 -6.73
C PHE A 448 -8.21 3.56 -5.26
N GLY A 449 -9.00 4.56 -4.92
CA GLY A 449 -9.26 4.83 -3.53
C GLY A 449 -10.32 5.89 -3.31
N SER A 450 -10.25 6.51 -2.13
CA SER A 450 -11.15 7.57 -1.73
C SER A 450 -10.34 8.75 -1.20
N ALA A 451 -10.90 9.96 -1.34
CA ALA A 451 -10.21 11.15 -0.85
C ALA A 451 -9.87 11.01 0.63
N LYS A 452 -10.84 10.56 1.43
CA LYS A 452 -10.58 10.10 2.79
C LYS A 452 -10.53 8.58 2.74
N ASP A 453 -9.32 8.04 2.68
CA ASP A 453 -9.16 6.60 2.58
C ASP A 453 -9.59 5.93 3.89
N PRO A 454 -10.02 4.67 3.83
CA PRO A 454 -10.31 3.95 5.08
C PRO A 454 -9.18 4.02 6.10
N VAL A 455 -7.92 4.12 5.66
CA VAL A 455 -6.82 4.25 6.60
C VAL A 455 -6.85 5.63 7.25
N ASN A 456 -7.09 6.68 6.46
CA ASN A 456 -7.35 8.00 7.05
C ASN A 456 -8.50 7.92 8.06
N MET A 457 -9.57 7.20 7.69
CA MET A 457 -10.77 7.16 8.52
C MET A 457 -10.50 6.49 9.87
N LEU A 458 -9.64 5.46 9.88
CA LEU A 458 -9.22 4.87 11.15
C LEU A 458 -8.67 5.94 12.08
N GLY A 459 -7.83 6.83 11.55
CA GLY A 459 -7.22 7.85 12.38
C GLY A 459 -8.21 8.87 12.90
N TYR A 460 -9.18 9.26 12.05
CA TYR A 460 -10.21 10.19 12.50
C TYR A 460 -11.03 9.59 13.64
N ALA A 461 -11.55 8.37 13.43
CA ALA A 461 -12.37 7.75 14.46
C ALA A 461 -11.58 7.49 15.74
N ALA A 462 -10.29 7.16 15.60
CA ALA A 462 -9.46 6.94 16.77
C ALA A 462 -9.15 8.25 17.50
N MET A 463 -9.02 9.36 16.76
CA MET A 463 -8.80 10.65 17.39
C MET A 463 -10.01 11.07 18.22
N ASN A 464 -11.23 10.82 17.72
CA ASN A 464 -12.42 11.18 18.46
C ASN A 464 -12.49 10.45 19.79
N LEU A 465 -12.03 9.19 19.82
CA LEU A 465 -12.05 8.43 21.07
C LEU A 465 -11.01 8.97 22.04
N VAL A 466 -9.79 9.20 21.56
CA VAL A 466 -8.73 9.70 22.44
C VAL A 466 -9.09 11.08 22.97
N GLU A 467 -9.70 11.92 22.13
CA GLU A 467 -10.03 13.29 22.51
C GLU A 467 -11.39 13.40 23.21
N GLY A 468 -12.08 12.29 23.42
CA GLY A 468 -13.32 12.30 24.18
C GLY A 468 -14.55 12.72 23.42
N LEU A 469 -14.43 13.01 22.12
CA LEU A 469 -15.60 13.38 21.34
C LEU A 469 -16.52 12.20 21.07
N SER A 470 -16.00 10.98 21.16
CA SER A 470 -16.80 9.77 21.02
C SER A 470 -16.38 8.77 22.08
N GLU A 471 -17.35 7.97 22.53
CA GLU A 471 -17.11 6.82 23.39
C GLU A 471 -17.77 5.63 22.74
N ASN A 472 -17.05 4.52 22.61
CA ASN A 472 -17.60 3.36 21.92
C ASN A 472 -17.70 2.17 22.87
N VAL A 473 -18.55 1.22 22.47
CA VAL A 473 -18.78 -0.02 23.19
C VAL A 473 -18.45 -1.17 22.25
N GLN A 474 -17.70 -2.15 22.75
CA GLN A 474 -17.31 -3.28 21.93
C GLN A 474 -18.41 -4.34 21.92
N TRP A 475 -18.38 -5.19 20.89
CA TRP A 475 -19.40 -6.22 20.75
C TRP A 475 -19.45 -7.12 21.99
N TYR A 476 -18.28 -7.40 22.58
CA TYR A 476 -18.23 -8.27 23.75
C TYR A 476 -18.57 -7.55 25.04
N GLU A 477 -18.80 -6.23 25.00
CA GLU A 477 -19.25 -5.48 26.16
C GLU A 477 -20.75 -5.19 26.15
N LEU A 478 -21.40 -5.32 24.99
CA LEU A 478 -22.75 -4.80 24.83
C LEU A 478 -23.70 -5.37 25.88
N SER A 479 -23.76 -6.71 25.97
CA SER A 479 -24.72 -7.33 26.87
C SER A 479 -24.57 -6.84 28.30
N ASN A 480 -23.32 -6.69 28.77
CA ASN A 480 -23.11 -6.22 30.13
C ASN A 480 -23.56 -4.79 30.30
N GLU A 481 -23.33 -3.93 29.29
CA GLU A 481 -23.77 -2.55 29.37
C GLU A 481 -25.28 -2.45 29.35
N LEU A 482 -25.94 -3.21 28.48
CA LEU A 482 -27.39 -3.20 28.44
C LEU A 482 -27.99 -3.81 29.70
N ALA A 483 -27.36 -4.85 30.24
CA ALA A 483 -27.85 -5.45 31.48
C ALA A 483 -27.79 -4.47 32.63
N LYS A 484 -26.88 -3.51 32.57
CA LYS A 484 -26.66 -2.57 33.66
C LYS A 484 -27.59 -1.37 33.61
N GLY A 485 -28.34 -1.21 32.52
CA GLY A 485 -29.35 -0.16 32.45
C GLY A 485 -29.33 0.63 31.16
N ALA A 486 -28.28 0.46 30.36
CA ALA A 486 -28.20 1.15 29.09
C ALA A 486 -29.28 0.65 28.13
N VAL A 487 -29.61 1.49 27.16
CA VAL A 487 -30.65 1.19 26.18
C VAL A 487 -30.06 1.33 24.78
N LEU A 488 -30.38 0.37 23.92
CA LEU A 488 -29.87 0.37 22.55
C LEU A 488 -30.74 1.26 21.67
N LEU A 489 -30.13 2.23 21.01
CA LEU A 489 -30.81 3.15 20.11
C LEU A 489 -30.46 2.75 18.67
N ASP A 490 -31.44 2.20 17.95
CA ASP A 490 -31.25 1.75 16.58
C ASP A 490 -31.64 2.88 15.64
N VAL A 491 -30.67 3.38 14.86
CA VAL A 491 -30.91 4.52 13.99
C VAL A 491 -30.87 4.11 12.53
N ARG A 492 -31.18 2.84 12.25
CA ARG A 492 -31.27 2.40 10.87
C ARG A 492 -32.53 2.98 10.21
N ASN A 493 -32.44 3.25 8.92
CA ASN A 493 -33.64 3.61 8.18
C ASN A 493 -34.59 2.43 8.18
N PRO A 494 -35.88 2.65 8.42
CA PRO A 494 -36.78 1.52 8.70
C PRO A 494 -36.76 0.44 7.64
N ALA A 495 -36.38 0.80 6.42
CA ALA A 495 -36.24 -0.18 5.35
C ALA A 495 -35.15 -1.19 5.70
N GLN A 501 -32.67 -7.02 13.48
CA GLN A 501 -33.49 -6.43 14.53
C GLN A 501 -33.06 -6.88 15.92
N PHE A 502 -32.95 -5.92 16.83
CA PHE A 502 -32.68 -6.20 18.24
C PHE A 502 -34.00 -6.19 19.01
N LYS A 503 -33.91 -6.60 20.28
CA LYS A 503 -35.11 -6.79 21.08
C LYS A 503 -35.55 -5.51 21.77
N ASN A 504 -35.10 -5.28 23.00
CA ASN A 504 -35.51 -4.11 23.77
C ASN A 504 -34.77 -2.86 23.29
N ALA A 505 -35.04 -2.51 22.03
CA ALA A 505 -34.33 -1.43 21.35
C ALA A 505 -35.31 -0.32 20.97
N VAL A 506 -34.90 0.93 21.24
CA VAL A 506 -35.61 2.10 20.74
C VAL A 506 -35.16 2.38 19.31
N SER A 507 -36.12 2.61 18.42
CA SER A 507 -35.82 2.78 17.00
C SER A 507 -36.27 4.17 16.56
N ILE A 508 -35.30 5.04 16.31
CA ILE A 508 -35.54 6.34 15.69
C ILE A 508 -34.55 6.47 14.54
N PRO A 509 -34.98 6.48 13.28
CA PRO A 509 -34.02 6.61 12.18
C PRO A 509 -33.23 7.90 12.29
N LEU A 510 -32.02 7.88 11.72
CA LEU A 510 -31.14 9.06 11.83
C LEU A 510 -31.79 10.29 11.22
N ASN A 511 -32.47 10.13 10.08
CA ASN A 511 -33.05 11.28 9.40
C ASN A 511 -34.13 11.97 10.22
N GLU A 512 -34.71 11.28 11.20
CA GLU A 512 -35.75 11.84 12.05
C GLU A 512 -35.25 12.13 13.47
N LEU A 513 -34.01 11.78 13.78
CA LEU A 513 -33.56 11.86 15.17
C LEU A 513 -33.53 13.30 15.66
N ARG A 514 -33.07 14.23 14.82
CA ARG A 514 -32.93 15.61 15.27
C ARG A 514 -34.26 16.20 15.72
N GLU A 515 -35.37 15.82 15.07
CA GLU A 515 -36.68 16.33 15.47
C GLU A 515 -37.29 15.50 16.59
N ARG A 516 -37.10 14.17 16.57
CA ARG A 516 -37.64 13.28 17.58
C ARG A 516 -36.71 13.12 18.78
N LEU A 517 -35.72 13.99 18.93
CA LEU A 517 -34.74 13.85 20.00
C LEU A 517 -35.36 13.98 21.37
N GLU A 518 -36.54 14.59 21.48
CA GLU A 518 -37.19 14.78 22.77
C GLU A 518 -37.91 13.54 23.27
N GLU A 519 -38.08 12.51 22.42
CA GLU A 519 -38.71 11.27 22.87
C GLU A 519 -37.83 10.50 23.84
N LEU A 520 -36.52 10.70 23.79
CA LEU A 520 -35.61 9.95 24.65
C LEU A 520 -35.70 10.43 26.09
N ASP A 521 -35.19 9.59 27.00
CA ASP A 521 -35.09 9.91 28.41
C ASP A 521 -33.69 10.45 28.69
N LYS A 522 -33.60 11.69 29.17
CA LYS A 522 -32.31 12.31 29.39
C LYS A 522 -31.56 11.72 30.57
N SER A 523 -32.24 10.99 31.45
CA SER A 523 -31.59 10.31 32.55
C SER A 523 -31.20 8.87 32.21
N THR A 524 -31.17 8.53 30.92
CA THR A 524 -30.86 7.20 30.46
C THR A 524 -29.59 7.22 29.63
N GLU A 525 -28.79 6.17 29.75
CA GLU A 525 -27.60 5.98 28.93
C GLU A 525 -27.98 5.17 27.70
N TYR A 526 -27.63 5.68 26.52
CA TYR A 526 -27.96 5.05 25.26
C TYR A 526 -26.71 4.55 24.56
N ILE A 527 -26.85 3.44 23.86
CA ILE A 527 -25.81 2.89 23.00
C ILE A 527 -26.38 2.85 21.60
N VAL A 528 -25.78 3.62 20.70
CA VAL A 528 -26.33 3.83 19.37
C VAL A 528 -25.71 2.84 18.40
N SER A 529 -26.52 2.33 17.48
CA SER A 529 -26.05 1.35 16.51
C SER A 529 -26.78 1.55 15.19
N CYS A 530 -26.10 1.21 14.11
CA CYS A 530 -26.68 1.18 12.77
C CYS A 530 -26.08 -0.02 12.05
N HIS A 531 -26.14 -0.02 10.72
CA HIS A 531 -25.43 -1.06 9.98
C HIS A 531 -23.93 -0.83 10.04
N SER A 532 -23.50 0.43 9.93
CA SER A 532 -22.11 0.83 10.08
C SER A 532 -22.00 1.89 11.17
N GLY A 533 -20.81 1.96 11.78
CA GLY A 533 -20.59 2.87 12.88
C GLY A 533 -20.56 4.34 12.51
N LEU A 534 -20.65 4.67 11.21
CA LEU A 534 -20.58 6.08 10.81
C LEU A 534 -21.86 6.82 11.19
N ARG A 535 -23.01 6.28 10.81
CA ARG A 535 -24.28 6.95 11.11
C ARG A 535 -24.59 6.93 12.60
N SER A 536 -24.21 5.86 13.31
CA SER A 536 -24.44 5.83 14.75
C SER A 536 -23.53 6.79 15.49
N TYR A 537 -22.33 7.06 14.94
CA TYR A 537 -21.46 8.07 15.52
C TYR A 537 -22.05 9.47 15.35
N ILE A 538 -22.60 9.77 14.18
CA ILE A 538 -23.25 11.05 13.96
C ILE A 538 -24.37 11.24 14.96
N ALA A 539 -25.17 10.21 15.19
CA ALA A 539 -26.23 10.28 16.18
C ALA A 539 -25.66 10.47 17.58
N GLU A 540 -24.59 9.75 17.91
CA GLU A 540 -23.95 9.92 19.21
C GLU A 540 -23.60 11.38 19.46
N ARG A 541 -23.12 12.07 18.42
CA ARG A 541 -22.74 13.46 18.58
C ARG A 541 -23.95 14.34 18.87
N MET A 542 -25.09 14.04 18.23
CA MET A 542 -26.31 14.78 18.53
C MET A 542 -26.68 14.63 20.01
N LEU A 543 -26.79 13.38 20.48
CA LEU A 543 -27.21 13.14 21.86
C LEU A 543 -26.25 13.79 22.85
N LYS A 544 -24.94 13.62 22.64
CA LYS A 544 -23.97 14.17 23.57
C LYS A 544 -24.16 15.66 23.77
N GLN A 545 -24.46 16.40 22.70
CA GLN A 545 -24.63 17.83 22.78
C GLN A 545 -26.02 18.24 23.23
N ALA A 546 -26.95 17.29 23.34
CA ALA A 546 -28.25 17.55 23.94
C ALA A 546 -28.29 17.17 25.42
N GLY A 547 -27.14 16.84 26.01
CA GLY A 547 -27.09 16.48 27.41
C GLY A 547 -27.51 15.07 27.72
N ILE A 548 -27.43 14.16 26.74
CA ILE A 548 -27.83 12.77 26.90
C ILE A 548 -26.58 11.90 26.84
N SER A 549 -26.41 11.04 27.83
CA SER A 549 -25.27 10.13 27.84
C SER A 549 -25.44 9.11 26.71
N ALA A 550 -24.48 9.06 25.80
CA ALA A 550 -24.56 8.18 24.65
C ALA A 550 -23.18 7.61 24.32
N LYS A 551 -23.18 6.38 23.81
CA LYS A 551 -21.99 5.72 23.32
C LYS A 551 -22.30 5.07 21.98
N ASN A 552 -21.23 4.83 21.21
CA ASN A 552 -21.34 4.22 19.89
C ASN A 552 -20.97 2.75 19.96
N LEU A 553 -21.76 1.90 19.32
CA LEU A 553 -21.44 0.48 19.23
C LEU A 553 -20.42 0.28 18.10
N ASP A 554 -19.18 -0.05 18.47
CA ASP A 554 -18.11 -0.19 17.49
C ASP A 554 -18.34 -1.42 16.62
N GLY A 555 -18.34 -1.21 15.30
CA GLY A 555 -18.74 -2.23 14.36
C GLY A 555 -20.23 -2.24 14.07
N ALA A 556 -21.05 -1.82 15.05
CA ALA A 556 -22.49 -1.69 14.86
C ALA A 556 -23.14 -3.04 14.61
N PHE A 557 -24.32 -3.03 13.97
CA PHE A 557 -25.09 -4.26 13.79
C PHE A 557 -24.40 -5.21 12.81
N ALA A 558 -23.75 -4.66 11.78
CA ALA A 558 -23.11 -5.51 10.76
C ALA A 558 -22.08 -6.43 11.40
N LEU A 559 -21.23 -5.88 12.27
CA LEU A 559 -20.20 -6.69 12.91
C LEU A 559 -20.78 -7.56 14.02
N TYR A 560 -21.75 -7.02 14.78
CA TYR A 560 -22.33 -7.79 15.87
C TYR A 560 -23.04 -9.03 15.35
N ARG A 561 -23.79 -8.91 14.25
CA ARG A 561 -24.51 -10.05 13.70
C ARG A 561 -23.55 -11.13 13.23
N MET A 562 -22.33 -10.76 12.85
CA MET A 562 -21.36 -11.72 12.35
C MET A 562 -20.74 -12.56 13.46
N VAL A 563 -20.54 -11.98 14.65
CA VAL A 563 -19.76 -12.63 15.69
C VAL A 563 -20.66 -13.19 16.78
N LYS A 564 -21.85 -12.62 16.94
CA LYS A 564 -22.84 -13.08 17.91
C LYS A 564 -24.22 -13.14 17.25
N PRO A 565 -24.40 -14.04 16.27
CA PRO A 565 -25.70 -14.11 15.60
C PRO A 565 -26.84 -14.42 16.56
N GLY B 23 -20.61 31.57 16.23
CA GLY B 23 -22.08 31.34 16.20
C GLY B 23 -22.61 31.04 14.82
N LYS B 24 -22.31 31.92 13.87
CA LYS B 24 -22.73 31.77 12.48
C LYS B 24 -21.49 31.63 11.61
N ILE B 25 -21.36 30.48 10.95
CA ILE B 25 -20.23 30.20 10.08
C ILE B 25 -20.75 30.13 8.64
N VAL B 26 -20.14 30.91 7.76
CA VAL B 26 -20.47 30.91 6.33
C VAL B 26 -19.28 30.35 5.57
N ILE B 27 -19.56 29.41 4.66
CA ILE B 27 -18.53 28.72 3.90
C ILE B 27 -18.75 29.03 2.43
N ILE B 28 -17.70 29.50 1.77
CA ILE B 28 -17.74 29.81 0.35
C ILE B 28 -17.06 28.66 -0.38
N GLY B 29 -17.84 27.92 -1.17
CA GLY B 29 -17.37 26.70 -1.79
C GLY B 29 -18.02 25.47 -1.16
N GLY B 30 -18.72 24.67 -1.97
CA GLY B 30 -19.47 23.55 -1.44
C GLY B 30 -19.08 22.19 -1.98
N VAL B 31 -17.78 21.92 -2.05
CA VAL B 31 -17.29 20.60 -2.47
C VAL B 31 -16.28 20.09 -1.45
N ALA B 32 -15.07 19.76 -1.89
CA ALA B 32 -14.17 18.98 -1.04
C ALA B 32 -13.84 19.69 0.26
N GLY B 33 -13.25 20.89 0.16
CA GLY B 33 -12.87 21.60 1.37
C GLY B 33 -14.06 22.10 2.16
N GLY B 34 -15.01 22.75 1.47
CA GLY B 34 -16.09 23.41 2.17
C GLY B 34 -17.03 22.45 2.87
N MET B 35 -17.43 21.37 2.21
CA MET B 35 -18.37 20.44 2.81
C MET B 35 -17.72 19.61 3.91
N SER B 36 -16.45 19.25 3.74
N SER B 36 -16.45 19.25 3.74
CA SER B 36 -15.73 18.56 4.81
CA SER B 36 -15.73 18.57 4.80
C SER B 36 -15.72 19.41 6.08
C SER B 36 -15.72 19.41 6.08
N ALA B 37 -15.52 20.72 5.95
CA ALA B 37 -15.60 21.60 7.10
C ALA B 37 -17.03 21.68 7.63
N ALA B 38 -18.00 21.84 6.73
CA ALA B 38 -19.38 22.03 7.15
C ALA B 38 -19.89 20.84 7.95
N THR B 39 -19.63 19.62 7.47
CA THR B 39 -20.12 18.43 8.16
C THR B 39 -19.43 18.24 9.50
N ARG B 40 -18.10 18.36 9.53
CA ARG B 40 -17.39 18.25 10.80
C ARG B 40 -17.84 19.33 11.77
N LEU B 41 -18.06 20.55 11.28
CA LEU B 41 -18.56 21.62 12.14
C LEU B 41 -19.85 21.22 12.83
N ARG B 42 -20.80 20.67 12.06
CA ARG B 42 -22.07 20.27 12.66
C ARG B 42 -21.86 19.23 13.75
N ARG B 43 -20.98 18.26 13.52
CA ARG B 43 -20.74 17.24 14.53
C ARG B 43 -20.09 17.83 15.79
N LEU B 44 -19.38 18.94 15.65
CA LEU B 44 -18.76 19.59 16.81
C LEU B 44 -19.66 20.64 17.45
N MET B 45 -20.60 21.21 16.70
CA MET B 45 -21.44 22.31 17.19
C MET B 45 -22.86 22.10 16.67
N GLU B 46 -23.69 21.47 17.50
CA GLU B 46 -25.05 21.12 17.06
C GLU B 46 -25.89 22.36 16.79
N ASP B 47 -25.64 23.46 17.51
CA ASP B 47 -26.52 24.62 17.48
C ASP B 47 -26.04 25.75 16.57
N ALA B 48 -24.84 25.63 16.00
CA ALA B 48 -24.32 26.71 15.17
C ALA B 48 -25.08 26.79 13.85
N GLU B 49 -25.24 28.00 13.35
CA GLU B 49 -25.80 28.22 12.03
C GLU B 49 -24.67 28.12 11.00
N ILE B 50 -24.80 27.17 10.08
CA ILE B 50 -23.77 26.88 9.08
C ILE B 50 -24.41 27.07 7.71
N VAL B 51 -23.89 28.03 6.95
CA VAL B 51 -24.38 28.35 5.62
C VAL B 51 -23.28 28.06 4.61
N VAL B 52 -23.63 27.31 3.57
CA VAL B 52 -22.68 26.93 2.52
C VAL B 52 -23.14 27.59 1.22
N MET B 53 -22.27 28.43 0.66
CA MET B 53 -22.54 29.12 -0.60
C MET B 53 -21.82 28.39 -1.73
N GLU B 54 -22.57 27.96 -2.74
CA GLU B 54 -22.03 27.26 -3.90
C GLU B 54 -22.58 27.92 -5.16
N LYS B 55 -21.70 28.55 -5.95
CA LYS B 55 -22.18 29.23 -7.14
C LYS B 55 -22.73 28.25 -8.18
N GLY B 56 -22.38 26.97 -8.08
CA GLY B 56 -22.84 25.98 -9.02
C GLY B 56 -24.15 25.36 -8.59
N PRO B 57 -24.66 24.44 -9.42
CA PRO B 57 -25.99 23.87 -9.13
C PRO B 57 -26.01 22.77 -8.08
N PHE B 58 -24.87 22.17 -7.76
CA PHE B 58 -24.82 21.06 -6.81
C PHE B 58 -23.69 21.24 -5.82
N VAL B 59 -23.88 20.68 -4.63
CA VAL B 59 -22.82 20.52 -3.65
C VAL B 59 -22.46 19.05 -3.56
N SER B 60 -21.24 18.77 -3.12
CA SER B 60 -20.79 17.40 -2.91
C SER B 60 -20.97 16.56 -4.16
N PHE B 61 -20.68 17.15 -5.31
CA PHE B 61 -20.68 16.42 -6.56
C PHE B 61 -19.30 15.79 -6.78
N ALA B 62 -19.29 14.54 -7.24
CA ALA B 62 -18.04 13.80 -7.47
C ALA B 62 -17.44 14.27 -8.80
N ASN B 63 -16.91 15.49 -8.77
CA ASN B 63 -16.32 16.07 -9.97
C ASN B 63 -15.11 15.27 -10.45
N CYS B 64 -14.44 14.56 -9.54
CA CYS B 64 -13.32 13.71 -9.92
C CYS B 64 -13.76 12.56 -10.81
N GLY B 65 -15.04 12.20 -10.78
CA GLY B 65 -15.57 11.14 -11.62
C GLY B 65 -16.12 11.59 -12.95
N LEU B 66 -16.04 12.89 -13.25
CA LEU B 66 -16.59 13.38 -14.51
C LEU B 66 -15.95 12.76 -15.73
N PRO B 67 -14.62 12.61 -15.82
CA PRO B 67 -14.04 12.00 -17.03
C PRO B 67 -14.56 10.60 -17.29
N TYR B 68 -14.84 9.82 -16.24
CA TYR B 68 -15.30 8.45 -16.43
C TYR B 68 -16.76 8.37 -16.82
N TYR B 69 -17.52 9.45 -16.65
CA TYR B 69 -18.87 9.50 -17.20
C TYR B 69 -18.87 9.70 -18.70
N VAL B 70 -17.89 10.44 -19.22
CA VAL B 70 -17.82 10.69 -20.66
C VAL B 70 -17.67 9.38 -21.43
N SER B 71 -16.81 8.48 -20.94
CA SER B 71 -16.61 7.19 -21.61
C SER B 71 -17.72 6.19 -21.32
N GLY B 72 -18.58 6.46 -20.34
CA GLY B 72 -19.61 5.53 -19.95
C GLY B 72 -19.26 4.61 -18.81
N GLU B 73 -18.00 4.62 -18.35
CA GLU B 73 -17.63 3.75 -17.23
C GLU B 73 -18.47 4.04 -16.00
N ILE B 74 -18.89 5.29 -15.83
CA ILE B 74 -19.95 5.65 -14.88
C ILE B 74 -21.20 5.85 -15.70
N ALA B 75 -22.18 4.95 -15.54
CA ALA B 75 -23.28 4.88 -16.48
C ALA B 75 -24.24 6.05 -16.33
N GLU B 76 -24.73 6.31 -15.13
CA GLU B 76 -25.75 7.31 -14.87
C GLU B 76 -25.15 8.53 -14.21
N ARG B 77 -25.64 9.72 -14.59
CA ARG B 77 -25.10 10.95 -14.02
C ARG B 77 -25.45 11.10 -12.54
N GLU B 78 -26.54 10.48 -12.09
CA GLU B 78 -26.92 10.60 -10.69
C GLU B 78 -25.89 9.95 -9.76
N GLN B 79 -25.17 8.93 -10.24
CA GLN B 79 -24.16 8.28 -9.44
C GLN B 79 -23.08 9.24 -8.94
N LEU B 80 -22.92 10.39 -9.61
CA LEU B 80 -21.89 11.34 -9.26
C LEU B 80 -22.33 12.34 -8.19
N LEU B 81 -23.62 12.41 -7.87
CA LEU B 81 -24.10 13.26 -6.79
C LEU B 81 -24.02 12.44 -5.51
N VAL B 82 -22.95 12.66 -4.75
CA VAL B 82 -22.67 11.88 -3.54
C VAL B 82 -23.87 11.94 -2.61
N GLN B 83 -24.17 13.12 -2.07
CA GLN B 83 -25.31 13.31 -1.18
C GLN B 83 -26.19 14.43 -1.70
N THR B 84 -27.50 14.17 -1.75
CA THR B 84 -28.46 15.15 -2.22
C THR B 84 -28.61 16.28 -1.19
N PRO B 85 -29.09 17.44 -1.63
CA PRO B 85 -29.30 18.54 -0.66
C PRO B 85 -30.37 18.24 0.36
N GLU B 86 -31.32 17.34 0.03
CA GLU B 86 -32.35 16.96 0.97
C GLU B 86 -31.77 16.13 2.11
N ALA B 87 -30.91 15.17 1.79
CA ALA B 87 -30.30 14.33 2.82
C ALA B 87 -29.28 15.11 3.65
N LEU B 88 -28.68 16.15 3.06
CA LEU B 88 -27.71 16.95 3.81
C LEU B 88 -28.40 17.75 4.91
N LYS B 89 -29.58 18.31 4.62
CA LYS B 89 -30.30 19.04 5.65
C LYS B 89 -30.86 18.09 6.70
N ALA B 90 -31.30 16.90 6.29
CA ALA B 90 -31.83 15.95 7.25
C ALA B 90 -30.73 15.46 8.18
N ARG B 91 -29.59 15.05 7.62
CA ARG B 91 -28.55 14.43 8.43
C ARG B 91 -27.79 15.46 9.26
N PHE B 92 -27.41 16.58 8.65
CA PHE B 92 -26.55 17.56 9.29
C PHE B 92 -27.20 18.92 9.50
N ASN B 93 -28.44 19.11 9.10
CA ASN B 93 -29.14 20.38 9.29
C ASN B 93 -28.28 21.55 8.81
N LEU B 94 -27.82 21.45 7.57
CA LEU B 94 -27.02 22.49 6.94
C LEU B 94 -27.89 23.37 6.06
N ASP B 95 -27.54 24.64 5.97
CA ASP B 95 -28.21 25.60 5.10
C ASP B 95 -27.36 25.73 3.84
N VAL B 96 -27.62 24.87 2.87
CA VAL B 96 -26.85 24.82 1.62
C VAL B 96 -27.59 25.63 0.56
N ARG B 97 -26.82 26.41 -0.21
CA ARG B 97 -27.40 27.38 -1.14
C ARG B 97 -26.67 27.33 -2.47
N PRO B 98 -27.13 26.47 -3.38
CA PRO B 98 -26.55 26.48 -4.74
C PRO B 98 -27.01 27.70 -5.52
N HIS B 99 -26.33 27.93 -6.64
CA HIS B 99 -26.59 29.10 -7.49
C HIS B 99 -26.41 30.41 -6.72
N HIS B 100 -25.57 30.39 -5.70
CA HIS B 100 -25.24 31.57 -4.90
C HIS B 100 -23.76 31.87 -5.09
N GLU B 101 -23.47 32.93 -5.84
CA GLU B 101 -22.09 33.36 -6.07
C GLU B 101 -21.78 34.54 -5.17
N VAL B 102 -20.76 34.40 -4.33
CA VAL B 102 -20.30 35.50 -3.49
C VAL B 102 -19.43 36.43 -4.33
N VAL B 103 -19.75 37.72 -4.29
CA VAL B 103 -19.10 38.69 -5.16
C VAL B 103 -18.34 39.76 -4.38
N ALA B 104 -18.43 39.78 -3.06
CA ALA B 104 -17.69 40.76 -2.27
C ALA B 104 -17.68 40.32 -0.82
N ILE B 105 -16.61 40.71 -0.12
CA ILE B 105 -16.45 40.43 1.30
C ILE B 105 -15.98 41.71 1.96
N ASP B 106 -16.73 42.18 2.96
CA ASP B 106 -16.30 43.29 3.80
C ASP B 106 -15.82 42.71 5.11
N PRO B 107 -14.50 42.56 5.32
CA PRO B 107 -14.03 41.85 6.53
C PRO B 107 -14.26 42.62 7.82
N ILE B 108 -14.48 43.93 7.76
CA ILE B 108 -14.61 44.72 8.97
C ILE B 108 -16.07 44.77 9.45
N GLU B 109 -17.00 45.00 8.52
CA GLU B 109 -18.41 44.84 8.86
C GLU B 109 -18.83 43.38 8.88
N LYS B 110 -18.02 42.48 8.32
CA LYS B 110 -18.28 41.04 8.35
C LYS B 110 -19.57 40.71 7.61
N VAL B 111 -19.71 41.26 6.40
CA VAL B 111 -20.81 40.94 5.50
C VAL B 111 -20.23 40.51 4.17
N ILE B 112 -20.90 39.55 3.53
CA ILE B 112 -20.57 39.15 2.17
C ILE B 112 -21.75 39.50 1.28
N THR B 113 -21.47 39.84 0.04
CA THR B 113 -22.49 40.13 -0.96
C THR B 113 -22.60 38.94 -1.88
N VAL B 114 -23.83 38.52 -2.17
CA VAL B 114 -24.11 37.32 -2.94
C VAL B 114 -25.04 37.64 -4.10
N LYS B 115 -24.74 37.08 -5.26
CA LYS B 115 -25.64 37.13 -6.41
C LYS B 115 -26.35 35.79 -6.53
N HIS B 116 -27.67 35.82 -6.56
CA HIS B 116 -28.48 34.62 -6.75
C HIS B 116 -29.54 34.96 -7.79
N GLU B 117 -29.40 34.40 -8.98
CA GLU B 117 -30.29 34.75 -10.08
C GLU B 117 -30.26 36.28 -10.25
N THR B 118 -31.40 36.95 -10.06
CA THR B 118 -31.48 38.40 -10.18
C THR B 118 -31.33 39.11 -8.85
N GLU B 119 -31.16 38.38 -7.75
CA GLU B 119 -31.06 38.97 -6.43
C GLU B 119 -29.63 39.37 -6.11
N ILE B 120 -29.50 40.42 -5.31
CA ILE B 120 -28.24 40.80 -4.67
C ILE B 120 -28.49 40.79 -3.18
N LEU B 121 -27.83 39.89 -2.46
CA LEU B 121 -28.11 39.61 -1.07
C LEU B 121 -26.92 39.95 -0.19
N THR B 122 -27.21 40.28 1.06
CA THR B 122 -26.20 40.59 2.06
C THR B 122 -26.37 39.66 3.25
N GLU B 123 -25.28 39.00 3.64
CA GLU B 123 -25.28 38.03 4.73
C GLU B 123 -24.14 38.34 5.69
N HIS B 124 -24.46 38.52 6.97
N HIS B 124 -24.46 38.50 6.96
CA HIS B 124 -23.45 38.69 8.00
CA HIS B 124 -23.44 38.71 8.00
C HIS B 124 -22.89 37.33 8.41
C HIS B 124 -22.90 37.35 8.47
N TYR B 125 -21.65 37.34 8.89
CA TYR B 125 -21.02 36.12 9.38
C TYR B 125 -20.25 36.44 10.66
N ASP B 126 -20.02 35.41 11.46
CA ASP B 126 -19.09 35.47 12.58
C ASP B 126 -17.74 34.86 12.24
N LYS B 127 -17.74 33.74 11.51
CA LYS B 127 -16.54 33.16 10.93
C LYS B 127 -16.80 32.91 9.45
N LEU B 128 -15.74 32.98 8.66
CA LEU B 128 -15.84 32.81 7.22
C LEU B 128 -14.76 31.81 6.79
N ILE B 129 -15.16 30.80 6.03
CA ILE B 129 -14.24 29.79 5.51
C ILE B 129 -14.23 29.90 3.99
N LEU B 130 -13.07 30.24 3.44
CA LEU B 130 -12.88 30.33 1.99
C LEU B 130 -12.39 28.98 1.49
N SER B 131 -13.20 28.30 0.67
CA SER B 131 -12.76 27.10 -0.03
C SER B 131 -13.19 27.15 -1.50
N PRO B 132 -12.86 28.25 -2.20
CA PRO B 132 -13.32 28.40 -3.59
C PRO B 132 -12.55 27.56 -4.59
N GLY B 133 -11.50 26.88 -4.16
CA GLY B 133 -10.80 25.98 -5.06
C GLY B 133 -9.99 26.74 -6.10
N ALA B 134 -9.87 26.11 -7.27
CA ALA B 134 -9.04 26.63 -8.34
C ALA B 134 -9.88 26.83 -9.60
N LYS B 135 -9.36 27.65 -10.50
CA LYS B 135 -10.01 27.95 -11.78
C LYS B 135 -9.08 27.57 -12.92
N PRO B 136 -9.63 27.22 -14.08
CA PRO B 136 -8.77 26.83 -15.21
C PRO B 136 -7.86 27.97 -15.64
N PHE B 137 -6.60 27.63 -15.90
CA PHE B 137 -5.67 28.56 -16.52
C PHE B 137 -6.20 28.97 -17.90
N VAL B 138 -6.38 30.27 -18.12
CA VAL B 138 -6.80 30.76 -19.43
C VAL B 138 -5.59 30.77 -20.35
N PRO B 139 -5.46 29.80 -21.27
CA PRO B 139 -4.25 29.74 -22.07
C PRO B 139 -4.16 30.93 -23.02
N PRO B 140 -2.95 31.35 -23.41
CA PRO B 140 -2.80 32.54 -24.28
C PRO B 140 -2.93 32.18 -25.76
N ILE B 141 -4.12 31.75 -26.16
CA ILE B 141 -4.38 31.24 -27.50
C ILE B 141 -5.33 32.21 -28.20
N THR B 142 -4.93 32.64 -29.39
CA THR B 142 -5.76 33.55 -30.19
C THR B 142 -7.00 32.83 -30.69
N GLY B 143 -8.09 33.58 -30.82
CA GLY B 143 -9.32 33.05 -31.37
C GLY B 143 -10.13 32.21 -30.42
N LEU B 144 -9.83 32.23 -29.12
CA LEU B 144 -10.60 31.43 -28.18
C LEU B 144 -12.03 31.92 -28.08
N ALA B 145 -12.23 33.24 -28.14
CA ALA B 145 -13.58 33.78 -28.02
C ALA B 145 -14.47 33.35 -29.18
N GLU B 146 -13.89 33.14 -30.36
CA GLU B 146 -14.64 32.70 -31.53
C GLU B 146 -14.73 31.18 -31.64
N ALA B 147 -14.03 30.44 -30.79
CA ALA B 147 -14.08 28.99 -30.84
C ALA B 147 -15.38 28.48 -30.22
N LYS B 148 -16.00 27.50 -30.88
CA LYS B 148 -17.27 26.95 -30.45
C LYS B 148 -17.18 25.52 -29.94
N ASN B 149 -16.00 24.89 -30.02
CA ASN B 149 -15.83 23.50 -29.61
C ASN B 149 -14.74 23.34 -28.57
N VAL B 150 -14.49 24.37 -27.77
CA VAL B 150 -13.44 24.37 -26.76
C VAL B 150 -14.09 24.42 -25.39
N PHE B 151 -13.74 23.47 -24.53
CA PHE B 151 -14.38 23.33 -23.23
C PHE B 151 -13.36 22.92 -22.18
N SER B 152 -13.62 23.31 -20.95
CA SER B 152 -12.99 22.71 -19.78
C SER B 152 -14.00 21.76 -19.14
N LEU B 153 -13.49 20.83 -18.33
CA LEU B 153 -14.34 19.84 -17.67
C LEU B 153 -13.98 19.82 -16.19
N ARG B 154 -14.62 20.70 -15.42
CA ARG B 154 -14.39 20.77 -13.98
C ARG B 154 -15.66 20.67 -13.14
N ASN B 155 -16.84 20.68 -13.75
CA ASN B 155 -18.10 20.65 -13.01
C ASN B 155 -19.21 20.19 -13.94
N VAL B 156 -20.41 20.07 -13.40
CA VAL B 156 -21.56 19.54 -14.14
C VAL B 156 -21.96 20.49 -15.26
N PRO B 157 -22.03 21.81 -15.02
CA PRO B 157 -22.26 22.72 -16.16
C PRO B 157 -21.30 22.48 -17.31
N ASP B 158 -20.02 22.26 -17.01
CA ASP B 158 -19.06 21.94 -18.06
C ASP B 158 -19.42 20.64 -18.77
N LEU B 159 -19.75 19.60 -18.00
CA LEU B 159 -20.13 18.33 -18.61
C LEU B 159 -21.35 18.49 -19.50
N ASP B 160 -22.33 19.28 -19.06
CA ASP B 160 -23.52 19.51 -19.88
C ASP B 160 -23.15 20.04 -21.25
N GLN B 161 -22.23 21.00 -21.30
CA GLN B 161 -21.81 21.55 -22.59
C GLN B 161 -21.04 20.52 -23.40
N ILE B 162 -20.22 19.70 -22.73
CA ILE B 162 -19.41 18.73 -23.45
C ILE B 162 -20.28 17.62 -24.04
N MET B 163 -21.26 17.14 -23.28
CA MET B 163 -22.08 16.04 -23.78
C MET B 163 -23.01 16.50 -24.91
N THR B 164 -23.38 17.78 -24.93
CA THR B 164 -24.20 18.28 -26.03
C THR B 164 -23.39 18.44 -27.31
N ALA B 165 -22.07 18.52 -27.20
CA ALA B 165 -21.21 18.62 -28.38
C ALA B 165 -20.78 17.27 -28.93
N LEU B 166 -20.91 16.19 -28.14
CA LEU B 166 -20.50 14.87 -28.57
C LEU B 166 -21.65 14.20 -29.33
N THR B 167 -21.72 14.52 -30.62
CA THR B 167 -22.70 13.97 -31.53
C THR B 167 -22.08 12.83 -32.33
N PRO B 168 -22.90 12.02 -33.00
CA PRO B 168 -22.35 10.96 -33.86
C PRO B 168 -21.40 11.48 -34.93
N GLU B 169 -21.50 12.75 -35.30
CA GLU B 169 -20.64 13.33 -36.31
C GLU B 169 -19.27 13.74 -35.77
N THR B 170 -19.11 13.80 -34.45
CA THR B 170 -17.83 14.12 -33.84
C THR B 170 -16.87 12.95 -34.02
N LYS B 171 -15.71 13.19 -34.61
CA LYS B 171 -14.75 12.14 -34.91
C LYS B 171 -13.40 12.35 -34.25
N ARG B 172 -12.88 13.57 -34.23
CA ARG B 172 -11.57 13.86 -33.68
C ARG B 172 -11.68 14.77 -32.48
N ALA B 173 -10.89 14.48 -31.45
CA ALA B 173 -10.82 15.30 -30.25
C ALA B 173 -9.36 15.61 -29.94
N VAL B 174 -9.13 16.75 -29.29
CA VAL B 174 -7.79 17.17 -28.91
C VAL B 174 -7.82 17.58 -27.44
N VAL B 175 -6.89 17.04 -26.66
CA VAL B 175 -6.73 17.39 -25.26
C VAL B 175 -5.45 18.20 -25.14
N ILE B 176 -5.56 19.43 -24.65
CA ILE B 176 -4.42 20.32 -24.46
C ILE B 176 -4.02 20.25 -22.99
N GLY B 177 -2.81 19.77 -22.72
CA GLY B 177 -2.35 19.56 -21.36
C GLY B 177 -2.29 18.10 -21.00
N ALA B 178 -1.09 17.59 -20.73
CA ALA B 178 -0.86 16.17 -20.50
C ALA B 178 -0.47 15.88 -19.05
N GLY B 179 -1.10 16.57 -18.11
CA GLY B 179 -0.99 16.23 -16.71
C GLY B 179 -1.84 15.03 -16.38
N PHE B 180 -1.89 14.70 -15.09
CA PHE B 180 -2.65 13.54 -14.66
C PHE B 180 -4.11 13.62 -15.12
N ILE B 181 -4.73 14.78 -14.96
CA ILE B 181 -6.11 14.94 -15.39
C ILE B 181 -6.21 14.99 -16.91
N GLY B 182 -5.21 15.56 -17.57
CA GLY B 182 -5.21 15.59 -19.01
C GLY B 182 -5.22 14.21 -19.64
N LEU B 183 -4.56 13.24 -18.98
CA LEU B 183 -4.53 11.88 -19.50
C LEU B 183 -5.85 11.16 -19.27
N GLU B 184 -6.50 11.39 -18.13
CA GLU B 184 -7.81 10.78 -17.90
C GLU B 184 -8.82 11.25 -18.94
N MET B 185 -8.72 12.53 -19.34
CA MET B 185 -9.59 13.04 -20.40
C MET B 185 -9.30 12.32 -21.71
N ALA B 186 -8.02 12.20 -22.07
CA ALA B 186 -7.67 11.57 -23.34
C ALA B 186 -8.05 10.09 -23.35
N GLU B 187 -7.82 9.39 -22.23
CA GLU B 187 -8.17 7.98 -22.16
C GLU B 187 -9.67 7.78 -22.37
N ASN B 188 -10.48 8.56 -21.66
CA ASN B 188 -11.93 8.36 -21.73
C ASN B 188 -12.52 8.88 -23.03
N LEU B 189 -11.86 9.84 -23.68
CA LEU B 189 -12.31 10.24 -25.00
C LEU B 189 -11.99 9.16 -26.03
N GLN B 190 -10.84 8.51 -25.90
CA GLN B 190 -10.53 7.39 -26.78
C GLN B 190 -11.54 6.27 -26.60
N LYS B 191 -11.96 6.02 -25.36
CA LYS B 191 -12.91 4.95 -25.09
C LYS B 191 -14.28 5.24 -25.67
N ARG B 192 -14.58 6.51 -25.97
CA ARG B 192 -15.82 6.85 -26.66
C ARG B 192 -15.73 6.58 -28.16
N GLY B 193 -14.57 6.19 -28.67
CA GLY B 193 -14.42 5.92 -30.09
C GLY B 193 -13.88 7.08 -30.90
N LEU B 194 -13.39 8.13 -30.26
CA LEU B 194 -12.84 9.27 -30.96
C LEU B 194 -11.37 9.07 -31.26
N GLU B 195 -10.91 9.72 -32.33
CA GLU B 195 -9.48 9.79 -32.64
C GLU B 195 -8.90 10.96 -31.83
N VAL B 196 -8.11 10.63 -30.81
CA VAL B 196 -7.67 11.60 -29.80
C VAL B 196 -6.22 11.97 -30.04
N THR B 197 -5.93 13.27 -29.92
CA THR B 197 -4.56 13.78 -29.95
C THR B 197 -4.31 14.55 -28.66
N LEU B 198 -3.13 14.34 -28.08
CA LEU B 198 -2.74 14.96 -26.83
C LEU B 198 -1.61 15.94 -27.09
N VAL B 199 -1.78 17.18 -26.64
CA VAL B 199 -0.82 18.25 -26.89
C VAL B 199 -0.31 18.74 -25.53
N GLU B 200 1.00 18.64 -25.33
CA GLU B 200 1.65 19.09 -24.10
C GLU B 200 2.71 20.13 -24.43
N LYS B 201 2.71 21.22 -23.66
CA LYS B 201 3.75 22.24 -23.81
C LYS B 201 5.10 21.70 -23.37
N ALA B 202 5.13 20.95 -22.26
CA ALA B 202 6.36 20.41 -21.69
C ALA B 202 7.02 19.42 -22.65
N PRO B 203 8.23 18.94 -22.36
CA PRO B 203 8.89 18.01 -23.28
C PRO B 203 8.37 16.59 -23.23
N HIS B 204 7.50 16.26 -22.27
CA HIS B 204 6.95 14.91 -22.19
C HIS B 204 5.61 14.96 -21.46
N VAL B 205 4.85 13.88 -21.61
CA VAL B 205 3.58 13.74 -20.89
C VAL B 205 3.86 13.58 -19.40
N LEU B 206 2.83 13.86 -18.60
CA LEU B 206 2.95 13.86 -17.15
C LEU B 206 4.19 14.64 -16.72
N PRO B 207 4.16 15.96 -16.82
CA PRO B 207 5.30 16.77 -16.33
C PRO B 207 5.65 16.45 -14.88
N PRO B 208 4.67 16.09 -14.04
CA PRO B 208 5.02 15.68 -12.66
C PRO B 208 5.99 14.51 -12.60
N LEU B 209 6.08 13.70 -13.65
CA LEU B 209 7.02 12.59 -13.69
C LEU B 209 8.33 13.02 -14.35
N ASP B 210 9.35 12.21 -14.14
CA ASP B 210 10.61 12.41 -14.84
C ASP B 210 10.52 11.79 -16.22
N GLU B 211 11.33 12.32 -17.14
CA GLU B 211 11.17 11.99 -18.56
C GLU B 211 11.22 10.48 -18.81
N GLU B 212 12.16 9.78 -18.17
CA GLU B 212 12.31 8.35 -18.47
C GLU B 212 11.12 7.55 -17.93
N MET B 213 10.49 8.01 -16.85
CA MET B 213 9.30 7.32 -16.36
C MET B 213 8.08 7.67 -17.20
N ALA B 214 7.98 8.92 -17.65
CA ALA B 214 6.89 9.32 -18.53
C ALA B 214 6.98 8.62 -19.89
N ALA B 215 8.16 8.17 -20.29
CA ALA B 215 8.31 7.49 -21.57
C ALA B 215 7.47 6.22 -21.64
N PHE B 216 7.30 5.54 -20.50
CA PHE B 216 6.45 4.34 -20.47
C PHE B 216 4.99 4.70 -20.72
N VAL B 217 4.57 5.90 -20.30
CA VAL B 217 3.19 6.32 -20.51
C VAL B 217 2.97 6.68 -21.98
N LYS B 218 3.90 7.43 -22.58
CA LYS B 218 3.78 7.77 -23.99
C LYS B 218 3.66 6.52 -24.85
N ALA B 219 4.41 5.47 -24.49
CA ALA B 219 4.32 4.22 -25.24
C ALA B 219 2.92 3.62 -25.13
N GLU B 220 2.32 3.66 -23.94
CA GLU B 220 0.98 3.11 -23.77
C GLU B 220 -0.06 3.92 -24.54
N LEU B 221 0.12 5.23 -24.60
CA LEU B 221 -0.77 6.06 -25.40
C LEU B 221 -0.67 5.70 -26.88
N SER B 222 0.56 5.58 -27.40
CA SER B 222 0.73 5.22 -28.80
C SER B 222 0.22 3.81 -29.06
N LYS B 223 0.42 2.90 -28.12
CA LYS B 223 -0.12 1.55 -28.25
C LYS B 223 -1.63 1.57 -28.47
N ASN B 224 -2.32 2.57 -27.92
CA ASN B 224 -3.76 2.67 -28.00
C ASN B 224 -4.22 3.79 -28.94
N ASN B 225 -3.39 4.16 -29.91
CA ASN B 225 -3.78 5.07 -30.99
C ASN B 225 -4.18 6.44 -30.47
N VAL B 226 -3.43 6.94 -29.49
CA VAL B 226 -3.56 8.32 -29.03
C VAL B 226 -2.30 9.05 -29.48
N GLN B 227 -2.47 10.01 -30.39
CA GLN B 227 -1.34 10.78 -30.88
C GLN B 227 -0.88 11.76 -29.83
N VAL B 228 0.43 11.86 -29.65
CA VAL B 228 1.04 12.70 -28.63
C VAL B 228 1.95 13.71 -29.32
N ILE B 229 1.78 14.98 -28.97
CA ILE B 229 2.60 16.08 -29.48
C ILE B 229 3.19 16.79 -28.28
N THR B 230 4.50 16.67 -28.09
CA THR B 230 5.20 17.27 -26.96
C THR B 230 6.07 18.43 -27.43
N GLY B 231 6.47 19.25 -26.46
CA GLY B 231 7.35 20.37 -26.73
C GLY B 231 6.79 21.41 -27.65
N GLN B 232 5.47 21.50 -27.78
CA GLN B 232 4.85 22.45 -28.68
C GLN B 232 3.53 22.90 -28.08
N SER B 233 3.34 24.22 -28.02
CA SER B 233 2.15 24.82 -27.44
C SER B 233 1.14 25.20 -28.52
N ALA B 234 -0.10 25.42 -28.11
CA ALA B 234 -1.16 25.86 -29.00
C ALA B 234 -1.17 27.38 -29.05
N VAL B 235 -1.10 27.96 -30.25
CA VAL B 235 -0.96 29.39 -30.41
C VAL B 235 -2.25 30.04 -30.89
N ALA B 236 -3.11 29.31 -31.56
CA ALA B 236 -4.32 29.90 -32.10
C ALA B 236 -5.40 28.85 -32.32
N PHE B 237 -6.65 29.31 -32.25
CA PHE B 237 -7.83 28.56 -32.65
C PHE B 237 -8.34 29.21 -33.94
N GLU B 238 -8.27 28.49 -35.05
CA GLU B 238 -8.69 29.00 -36.34
C GLU B 238 -9.90 28.19 -36.84
N GLU B 239 -10.67 28.82 -37.73
CA GLU B 239 -11.86 28.18 -38.29
C GLU B 239 -12.85 27.81 -37.18
N GLU B 240 -13.10 28.76 -36.29
CA GLU B 240 -14.06 28.58 -35.20
C GLU B 240 -13.70 27.40 -34.30
N GLY B 241 -12.41 27.10 -34.19
CA GLY B 241 -11.94 26.02 -33.35
C GLY B 241 -11.75 24.71 -34.06
N GLN B 242 -12.19 24.59 -35.31
CA GLN B 242 -11.99 23.36 -36.07
C GLN B 242 -10.52 23.12 -36.42
N VAL B 243 -9.67 24.13 -36.26
CA VAL B 243 -8.24 24.01 -36.53
C VAL B 243 -7.48 24.59 -35.35
N ILE B 244 -6.50 23.84 -34.85
CA ILE B 244 -5.64 24.27 -33.76
C ILE B 244 -4.25 24.47 -34.32
N ARG B 245 -3.69 25.66 -34.13
CA ARG B 245 -2.36 26.00 -34.63
C ARG B 245 -1.33 25.79 -33.53
N LEU B 246 -0.22 25.16 -33.87
CA LEU B 246 0.88 24.92 -32.95
C LEU B 246 2.03 25.89 -33.26
N GLU B 247 2.96 25.99 -32.30
CA GLU B 247 4.05 26.96 -32.43
C GLU B 247 4.84 26.75 -33.72
N ASP B 248 5.11 25.50 -34.08
CA ASP B 248 5.86 25.21 -35.30
C ASP B 248 5.08 25.53 -36.58
N GLY B 249 3.78 25.80 -36.47
CA GLY B 249 2.94 25.99 -37.63
C GLY B 249 2.13 24.77 -38.01
N GLN B 250 2.40 23.63 -37.39
CA GLN B 250 1.59 22.43 -37.62
C GLN B 250 0.17 22.67 -37.16
N THR B 251 -0.79 22.13 -37.89
CA THR B 251 -2.21 22.28 -37.57
C THR B 251 -2.81 20.94 -37.20
N LEU B 252 -3.84 20.99 -36.34
CA LEU B 252 -4.58 19.83 -35.90
C LEU B 252 -6.06 20.05 -36.19
N ALA B 253 -6.70 19.04 -36.76
CA ALA B 253 -8.15 19.06 -36.93
C ALA B 253 -8.81 18.61 -35.63
N SER B 254 -9.83 19.33 -35.19
CA SER B 254 -10.49 19.04 -33.93
C SER B 254 -11.97 19.32 -34.05
N ASP B 255 -12.79 18.32 -33.70
CA ASP B 255 -14.22 18.50 -33.53
C ASP B 255 -14.60 18.80 -32.10
N LEU B 256 -13.68 18.60 -31.15
CA LEU B 256 -13.94 18.83 -29.74
C LEU B 256 -12.59 18.99 -29.04
N THR B 257 -12.43 20.10 -28.34
CA THR B 257 -11.16 20.41 -27.67
C THR B 257 -11.40 20.57 -26.19
N ILE B 258 -10.60 19.87 -25.38
CA ILE B 258 -10.68 19.93 -23.94
C ILE B 258 -9.45 20.67 -23.44
N LEU B 259 -9.67 21.72 -22.66
CA LEU B 259 -8.58 22.46 -22.04
C LEU B 259 -8.33 21.89 -20.66
N SER B 260 -7.17 21.26 -20.47
CA SER B 260 -6.72 20.75 -19.18
C SER B 260 -5.26 21.16 -18.98
N VAL B 261 -5.03 22.47 -18.99
CA VAL B 261 -3.68 23.03 -18.97
C VAL B 261 -3.33 23.53 -17.58
N GLY B 262 -3.85 22.88 -16.54
CA GLY B 262 -3.56 23.25 -15.18
C GLY B 262 -4.50 24.34 -14.66
N VAL B 263 -4.39 24.60 -13.36
CA VAL B 263 -5.28 25.50 -12.67
C VAL B 263 -4.47 26.50 -11.86
N GLN B 264 -5.13 27.60 -11.50
CA GLN B 264 -4.59 28.60 -10.59
C GLN B 264 -5.60 28.86 -9.49
N PRO B 265 -5.15 29.21 -8.29
CA PRO B 265 -6.10 29.45 -7.20
C PRO B 265 -7.17 30.47 -7.58
N GLU B 266 -8.41 30.20 -7.18
CA GLU B 266 -9.52 31.12 -7.40
C GLU B 266 -9.49 32.15 -6.28
N ASN B 267 -8.73 33.22 -6.51
CA ASN B 267 -8.43 34.20 -5.48
C ASN B 267 -9.02 35.58 -5.75
N THR B 268 -9.80 35.74 -6.81
CA THR B 268 -10.29 37.07 -7.15
C THR B 268 -11.07 37.68 -6.00
N LEU B 269 -11.96 36.90 -5.38
CA LEU B 269 -12.73 37.41 -4.25
C LEU B 269 -11.82 37.80 -3.09
N ALA B 270 -10.90 36.90 -2.74
CA ALA B 270 -9.98 37.18 -1.62
C ALA B 270 -9.19 38.45 -1.86
N VAL B 271 -8.65 38.61 -3.07
CA VAL B 271 -7.86 39.79 -3.38
C VAL B 271 -8.68 41.06 -3.16
N GLU B 272 -9.90 41.08 -3.69
CA GLU B 272 -10.75 42.26 -3.56
C GLU B 272 -11.06 42.56 -2.10
N ALA B 273 -10.99 41.57 -1.21
CA ALA B 273 -11.32 41.76 0.19
C ALA B 273 -10.10 42.07 1.06
N GLY B 274 -8.92 42.16 0.46
CA GLY B 274 -7.71 42.41 1.22
C GLY B 274 -7.06 41.19 1.82
N VAL B 275 -7.48 39.99 1.41
CA VAL B 275 -6.88 38.76 1.90
C VAL B 275 -5.54 38.57 1.19
N ALA B 276 -4.47 38.44 1.96
CA ALA B 276 -3.14 38.35 1.38
C ALA B 276 -2.95 37.04 0.63
N THR B 277 -2.22 37.10 -0.48
CA THR B 277 -1.88 35.95 -1.28
C THR B 277 -0.36 35.84 -1.39
N GLY B 278 0.11 34.66 -1.80
CA GLY B 278 1.53 34.42 -1.97
C GLY B 278 1.85 33.63 -3.22
N LEU B 279 2.53 32.50 -3.05
CA LEU B 279 2.99 31.69 -4.17
C LEU B 279 1.87 31.44 -5.18
N ARG B 280 2.15 31.74 -6.45
CA ARG B 280 1.24 31.46 -7.56
C ARG B 280 -0.17 31.99 -7.30
N GLY B 281 -0.27 33.03 -6.47
CA GLY B 281 -1.56 33.62 -6.17
C GLY B 281 -2.39 32.90 -5.14
N GLY B 282 -1.83 31.88 -4.50
CA GLY B 282 -2.58 31.17 -3.46
C GLY B 282 -2.82 32.05 -2.24
N ILE B 283 -3.89 31.72 -1.52
CA ILE B 283 -4.23 32.44 -0.30
C ILE B 283 -3.32 31.97 0.81
N VAL B 284 -2.71 32.91 1.53
CA VAL B 284 -1.79 32.57 2.59
C VAL B 284 -2.57 32.31 3.87
N VAL B 285 -2.20 31.23 4.58
CA VAL B 285 -2.81 30.86 5.84
C VAL B 285 -1.70 30.46 6.81
N ASP B 286 -2.00 30.57 8.10
CA ASP B 286 -1.05 30.26 9.16
C ASP B 286 -1.26 28.83 9.64
N GLU B 287 -0.67 28.49 10.79
CA GLU B 287 -0.74 27.13 11.32
C GLU B 287 -2.16 26.73 11.71
N HIS B 288 -3.09 27.68 11.81
CA HIS B 288 -4.49 27.40 12.12
C HIS B 288 -5.42 27.71 10.95
N TYR B 289 -4.89 27.72 9.73
CA TYR B 289 -5.66 27.93 8.51
C TYR B 289 -6.30 29.31 8.45
N GLN B 290 -5.77 30.27 9.19
CA GLN B 290 -6.34 31.61 9.22
C GLN B 290 -5.60 32.55 8.30
N THR B 291 -6.35 33.43 7.63
CA THR B 291 -5.77 34.42 6.72
C THR B 291 -5.33 35.64 7.51
N ASN B 292 -4.89 36.68 6.81
CA ASN B 292 -4.53 37.94 7.44
C ASN B 292 -5.74 38.75 7.87
N GLN B 293 -6.95 38.29 7.56
CA GLN B 293 -8.16 39.02 7.93
C GLN B 293 -8.80 38.40 9.16
N PRO B 294 -9.36 39.21 10.05
CA PRO B 294 -9.97 38.65 11.26
C PRO B 294 -11.13 37.72 10.91
N ASP B 295 -11.10 36.52 11.50
CA ASP B 295 -12.19 35.54 11.43
C ASP B 295 -12.44 35.02 10.02
N ILE B 296 -11.43 35.05 9.16
CA ILE B 296 -11.52 34.50 7.81
C ILE B 296 -10.46 33.42 7.67
N TYR B 297 -10.89 32.19 7.42
CA TYR B 297 -10.02 31.05 7.20
C TYR B 297 -10.09 30.63 5.74
N ALA B 298 -9.17 29.74 5.36
CA ALA B 298 -9.12 29.26 3.98
C ALA B 298 -8.54 27.86 3.96
N VAL B 299 -9.04 27.05 3.03
CA VAL B 299 -8.60 25.66 2.85
C VAL B 299 -8.78 25.29 1.37
N GLY B 300 -8.21 24.17 0.98
CA GLY B 300 -8.42 23.61 -0.35
C GLY B 300 -7.36 24.02 -1.35
N ASP B 301 -7.71 23.88 -2.63
CA ASP B 301 -6.82 24.24 -3.72
C ASP B 301 -6.43 25.71 -3.71
N ALA B 302 -7.18 26.55 -2.99
CA ALA B 302 -6.97 27.99 -3.05
C ALA B 302 -5.84 28.47 -2.15
N ILE B 303 -5.32 27.62 -1.27
CA ILE B 303 -4.35 28.07 -0.28
C ILE B 303 -2.96 27.60 -0.66
N VAL B 304 -1.97 28.34 -0.18
CA VAL B 304 -0.58 27.89 -0.22
C VAL B 304 -0.35 26.95 0.95
N VAL B 305 0.18 25.77 0.67
CA VAL B 305 0.51 24.80 1.69
C VAL B 305 2.02 24.72 1.82
N LYS B 306 2.48 24.04 2.86
CA LYS B 306 3.91 23.80 3.07
C LYS B 306 4.25 22.43 2.50
N GLN B 307 5.12 22.40 1.49
CA GLN B 307 5.73 21.16 1.03
C GLN B 307 6.66 20.64 2.12
N GLN B 308 6.28 19.53 2.75
CA GLN B 308 6.97 19.08 3.96
C GLN B 308 8.37 18.56 3.65
N ILE B 309 8.62 18.10 2.42
CA ILE B 309 9.94 17.60 2.09
C ILE B 309 10.96 18.73 2.06
N THR B 310 10.53 19.94 1.67
CA THR B 310 11.41 21.10 1.60
C THR B 310 11.10 22.15 2.66
N GLN B 311 9.96 22.06 3.33
CA GLN B 311 9.54 23.09 4.28
C GLN B 311 9.36 24.44 3.61
N GLU B 312 9.07 24.43 2.31
CA GLU B 312 8.87 25.64 1.53
C GLU B 312 7.46 25.65 0.96
N ASP B 313 7.01 26.84 0.55
CA ASP B 313 5.65 26.98 0.05
C ASP B 313 5.45 26.19 -1.25
N ALA B 314 4.22 25.76 -1.47
CA ALA B 314 3.88 24.99 -2.66
C ALA B 314 2.37 25.03 -2.86
N LEU B 315 1.94 24.60 -4.04
CA LEU B 315 0.53 24.38 -4.33
C LEU B 315 0.35 22.89 -4.63
N ILE B 316 -0.50 22.24 -3.83
CA ILE B 316 -0.78 20.82 -3.97
C ILE B 316 -2.29 20.69 -4.11
N SER B 317 -2.78 20.72 -5.35
CA SER B 317 -4.21 20.80 -5.64
C SER B 317 -4.77 19.39 -5.79
N LEU B 318 -5.03 18.76 -4.64
CA LEU B 318 -5.51 17.39 -4.61
C LEU B 318 -6.64 17.27 -3.59
N ALA B 319 -7.45 16.21 -3.75
CA ALA B 319 -8.65 16.07 -2.95
C ALA B 319 -8.33 15.64 -1.53
N SER B 320 -7.36 14.75 -1.35
CA SER B 320 -7.05 14.25 -0.01
C SER B 320 -6.60 15.38 0.91
N PRO B 321 -5.66 16.24 0.54
CA PRO B 321 -5.38 17.40 1.41
C PRO B 321 -6.60 18.27 1.64
N ALA B 322 -7.37 18.57 0.60
CA ALA B 322 -8.52 19.46 0.76
C ALA B 322 -9.49 18.91 1.80
N ASN B 323 -9.80 17.60 1.73
CA ASN B 323 -10.68 17.00 2.71
C ASN B 323 -10.12 17.13 4.12
N ARG B 324 -8.82 16.86 4.29
CA ARG B 324 -8.21 16.96 5.60
C ARG B 324 -8.25 18.40 6.11
N GLN B 325 -7.85 19.35 5.26
CA GLN B 325 -7.84 20.75 5.67
C GLN B 325 -9.21 21.22 6.13
N GLY B 326 -10.26 20.86 5.40
CA GLY B 326 -11.60 21.24 5.81
C GLY B 326 -11.98 20.66 7.15
N ARG B 327 -11.66 19.39 7.37
CA ARG B 327 -11.95 18.77 8.66
C ARG B 327 -11.19 19.47 9.78
N GLN B 328 -9.95 19.89 9.50
CA GLN B 328 -9.12 20.46 10.56
C GLN B 328 -9.43 21.92 10.84
N VAL B 329 -9.87 22.69 9.83
CA VAL B 329 -10.26 24.07 10.11
C VAL B 329 -11.54 24.11 10.93
N ALA B 330 -12.40 23.11 10.79
CA ALA B 330 -13.55 22.98 11.67
C ALA B 330 -13.10 22.74 13.11
N ASP B 331 -12.13 21.84 13.30
CA ASP B 331 -11.58 21.63 14.63
C ASP B 331 -11.04 22.92 15.23
N VAL B 332 -10.33 23.71 14.42
CA VAL B 332 -9.80 24.99 14.89
C VAL B 332 -10.93 25.90 15.35
N ILE B 333 -11.91 26.11 14.48
CA ILE B 333 -12.99 27.04 14.79
C ILE B 333 -13.76 26.58 16.01
N ALA B 334 -13.84 25.27 16.24
CA ALA B 334 -14.56 24.74 17.38
C ALA B 334 -13.73 24.74 18.65
N GLY B 335 -12.49 25.24 18.61
CA GLY B 335 -11.68 25.38 19.80
C GLY B 335 -10.73 24.25 20.08
N LEU B 336 -10.64 23.27 19.19
CA LEU B 336 -9.65 22.22 19.34
C LEU B 336 -8.30 22.69 18.85
N GLU B 337 -7.24 22.20 19.48
CA GLU B 337 -5.88 22.49 19.04
C GLU B 337 -5.59 21.58 17.84
N ARG B 338 -5.56 22.18 16.65
CA ARG B 338 -5.25 21.46 15.43
C ARG B 338 -4.33 22.33 14.59
N LYS B 339 -3.30 21.71 14.01
CA LYS B 339 -2.30 22.44 13.26
C LYS B 339 -2.40 22.13 11.77
N ASN B 340 -2.12 23.13 10.95
CA ASN B 340 -1.95 22.99 9.51
C ASN B 340 -0.51 22.56 9.28
N GLN B 341 -0.30 21.27 9.00
CA GLN B 341 1.05 20.70 8.97
C GLN B 341 1.67 20.68 7.58
N GLY B 342 0.86 20.60 6.53
CA GLY B 342 1.35 20.63 5.17
C GLY B 342 1.06 19.33 4.44
N SER B 343 1.70 19.19 3.29
CA SER B 343 1.49 18.04 2.42
C SER B 343 2.79 17.72 1.69
N ILE B 344 2.78 16.57 1.00
CA ILE B 344 3.91 16.17 0.16
C ILE B 344 3.42 15.97 -1.27
N GLY B 345 2.15 15.59 -1.42
CA GLY B 345 1.58 15.39 -2.74
C GLY B 345 1.73 13.97 -3.25
N THR B 346 0.60 13.30 -3.47
CA THR B 346 0.58 11.94 -4.02
C THR B 346 -0.49 11.87 -5.09
N ALA B 347 -0.11 11.44 -6.28
CA ALA B 347 -1.02 11.44 -7.42
C ALA B 347 -0.90 10.14 -8.19
N ILE B 348 -1.95 9.82 -8.94
CA ILE B 348 -2.03 8.57 -9.69
C ILE B 348 -2.98 8.75 -10.85
N VAL B 349 -2.69 8.07 -11.97
CA VAL B 349 -3.58 8.04 -13.11
C VAL B 349 -3.51 6.67 -13.77
N ARG B 350 -4.64 6.23 -14.32
CA ARG B 350 -4.72 4.98 -15.06
C ARG B 350 -4.76 5.29 -16.55
N VAL B 351 -3.77 4.80 -17.29
CA VAL B 351 -3.69 5.00 -18.73
C VAL B 351 -3.89 3.66 -19.42
N PHE B 352 -5.15 3.33 -19.72
CA PHE B 352 -5.47 2.05 -20.35
C PHE B 352 -5.00 0.90 -19.48
N ASP B 353 -4.01 0.13 -19.95
CA ASP B 353 -3.51 -1.02 -19.23
C ASP B 353 -2.28 -0.69 -18.37
N LEU B 354 -2.07 0.58 -18.04
CA LEU B 354 -0.91 1.01 -17.28
C LEU B 354 -1.36 1.94 -16.16
N THR B 355 -0.61 1.94 -15.07
CA THR B 355 -0.83 2.84 -13.95
C THR B 355 0.44 3.65 -13.71
N ALA B 356 0.28 4.96 -13.51
CA ALA B 356 1.39 5.85 -13.21
C ALA B 356 1.07 6.62 -11.94
N ALA B 357 2.00 6.60 -10.98
CA ALA B 357 1.82 7.28 -9.70
C ALA B 357 3.15 7.87 -9.25
N SER B 358 3.06 8.87 -8.38
CA SER B 358 4.25 9.52 -7.84
C SER B 358 3.89 10.13 -6.49
N THR B 359 4.92 10.37 -5.68
CA THR B 359 4.76 10.99 -4.38
C THR B 359 6.00 11.81 -4.09
N GLY B 360 5.82 12.96 -3.45
CA GLY B 360 6.94 13.82 -3.13
C GLY B 360 7.45 14.56 -4.34
N LEU B 361 8.77 14.66 -4.47
CA LEU B 361 9.40 15.42 -5.54
C LEU B 361 10.07 14.49 -6.54
N SER B 362 9.89 14.78 -7.83
CA SER B 362 10.66 14.12 -8.86
C SER B 362 12.12 14.58 -8.80
N GLU B 363 12.96 13.90 -9.57
CA GLU B 363 14.35 14.31 -9.67
C GLU B 363 14.45 15.76 -10.11
N ARG B 364 13.74 16.12 -11.18
CA ARG B 364 13.79 17.48 -11.71
C ARG B 364 13.34 18.49 -10.66
N ALA B 365 12.20 18.23 -10.01
CA ALA B 365 11.69 19.17 -9.02
C ALA B 365 12.59 19.22 -7.79
N ALA B 366 13.17 18.08 -7.41
CA ALA B 366 14.06 18.07 -6.26
C ALA B 366 15.27 18.95 -6.51
N LYS B 367 15.91 18.81 -7.68
CA LYS B 367 17.05 19.65 -8.02
C LYS B 367 16.63 21.12 -8.13
N ALA B 368 15.47 21.38 -8.73
CA ALA B 368 15.01 22.76 -8.87
C ALA B 368 14.82 23.44 -7.53
N ALA B 369 14.57 22.66 -6.47
CA ALA B 369 14.42 23.19 -5.12
C ALA B 369 15.74 23.32 -4.39
N GLY B 370 16.86 23.04 -5.05
CA GLY B 370 18.16 23.13 -4.42
C GLY B 370 18.56 21.91 -3.62
N LEU B 371 17.81 20.82 -3.71
CA LEU B 371 18.13 19.61 -2.97
C LEU B 371 19.26 18.85 -3.66
N THR B 372 20.14 18.24 -2.86
CA THR B 372 21.17 17.35 -3.36
C THR B 372 20.57 15.96 -3.49
N THR B 373 20.55 15.43 -4.71
CA THR B 373 19.76 14.26 -5.04
C THR B 373 20.63 13.15 -5.62
N ALA B 374 20.19 11.92 -5.37
CA ALA B 374 20.62 10.75 -6.11
C ALA B 374 19.36 9.95 -6.44
N VAL B 375 19.46 9.02 -7.38
CA VAL B 375 18.32 8.24 -7.82
C VAL B 375 18.73 6.80 -8.10
N VAL B 376 17.74 5.92 -8.04
CA VAL B 376 17.92 4.52 -8.41
C VAL B 376 16.61 4.04 -9.05
N HIS B 377 16.73 3.16 -10.03
CA HIS B 377 15.59 2.59 -10.74
C HIS B 377 15.56 1.09 -10.49
N ILE B 378 14.39 0.56 -10.14
CA ILE B 378 14.20 -0.85 -9.88
C ILE B 378 13.07 -1.35 -10.78
N SER B 379 13.26 -2.54 -11.35
CA SER B 379 12.22 -3.18 -12.17
C SER B 379 11.93 -4.54 -11.57
N GLY B 380 10.73 -4.70 -11.01
CA GLY B 380 10.33 -5.95 -10.42
C GLY B 380 8.99 -6.45 -10.91
N LYS B 381 8.33 -7.28 -10.11
CA LYS B 381 7.00 -7.78 -10.41
C LYS B 381 6.07 -7.43 -9.25
N ASP B 382 4.77 -7.40 -9.53
CA ASP B 382 3.79 -7.10 -8.49
C ASP B 382 3.67 -8.26 -7.49
N HIS B 383 4.01 -9.48 -7.90
CA HIS B 383 4.05 -10.60 -6.98
C HIS B 383 5.01 -11.65 -7.53
N ALA B 384 5.17 -12.74 -6.78
CA ALA B 384 6.13 -13.77 -7.13
C ALA B 384 5.97 -14.20 -8.58
N GLY B 385 7.09 -14.38 -9.26
CA GLY B 385 7.04 -14.76 -10.67
C GLY B 385 6.53 -16.17 -10.90
N TYR B 386 6.78 -17.07 -9.95
CA TYR B 386 6.32 -18.45 -10.10
C TYR B 386 4.81 -18.58 -9.90
N TYR B 387 4.14 -17.53 -9.40
CA TYR B 387 2.69 -17.54 -9.31
C TYR B 387 2.12 -16.83 -10.53
N PRO B 388 1.12 -17.40 -11.22
CA PRO B 388 0.71 -16.83 -12.51
C PRO B 388 0.16 -15.42 -12.37
N GLY B 389 0.24 -14.68 -13.47
CA GLY B 389 -0.31 -13.35 -13.53
C GLY B 389 0.62 -12.24 -13.09
N ALA B 390 1.89 -12.54 -12.81
CA ALA B 390 2.84 -11.51 -12.43
C ALA B 390 3.10 -10.57 -13.60
N THR B 391 3.12 -9.27 -13.31
CA THR B 391 3.36 -8.23 -14.30
C THR B 391 4.51 -7.35 -13.86
N ASP B 392 5.13 -6.68 -14.82
CA ASP B 392 6.31 -5.88 -14.56
C ASP B 392 5.96 -4.61 -13.79
N LEU B 393 6.90 -4.18 -12.94
CA LEU B 393 6.81 -2.97 -12.15
C LEU B 393 8.08 -2.16 -12.36
N GLN B 394 7.94 -0.84 -12.52
CA GLN B 394 9.07 0.07 -12.59
C GLN B 394 8.92 1.07 -11.45
N LEU B 395 9.94 1.17 -10.61
CA LEU B 395 9.94 2.11 -9.50
C LEU B 395 11.19 2.97 -9.57
N LYS B 396 11.05 4.23 -9.16
CA LYS B 396 12.16 5.16 -9.05
C LYS B 396 12.13 5.81 -7.68
N LEU B 397 13.30 5.98 -7.08
CA LEU B 397 13.44 6.64 -5.78
C LEU B 397 14.41 7.80 -5.92
N VAL B 398 14.06 8.94 -5.32
CA VAL B 398 14.89 10.13 -5.30
C VAL B 398 15.24 10.41 -3.85
N PHE B 399 16.54 10.43 -3.53
CA PHE B 399 16.97 10.48 -2.15
C PHE B 399 18.25 11.30 -2.03
N HIS B 400 18.64 11.58 -0.79
CA HIS B 400 19.88 12.30 -0.52
C HIS B 400 21.05 11.32 -0.52
N PRO B 401 22.13 11.61 -1.24
CA PRO B 401 23.18 10.59 -1.45
C PRO B 401 24.05 10.32 -0.23
N THR B 402 23.90 11.04 0.87
CA THR B 402 24.66 10.79 2.08
C THR B 402 23.79 10.39 3.27
N THR B 403 22.71 11.14 3.52
CA THR B 403 21.84 10.84 4.65
C THR B 403 20.82 9.77 4.33
N GLY B 404 20.45 9.61 3.07
CA GLY B 404 19.39 8.69 2.71
C GLY B 404 17.99 9.23 2.83
N GLU B 405 17.84 10.51 3.17
CA GLU B 405 16.52 11.13 3.19
C GLU B 405 15.81 10.91 1.86
N ILE B 406 14.55 10.53 1.92
CA ILE B 406 13.76 10.25 0.73
C ILE B 406 13.01 11.51 0.31
N TYR B 407 13.17 11.90 -0.95
CA TYR B 407 12.50 13.07 -1.49
C TYR B 407 11.27 12.74 -2.32
N GLY B 408 11.20 11.56 -2.92
CA GLY B 408 10.06 11.21 -3.74
C GLY B 408 10.26 9.85 -4.38
N ALA B 409 9.19 9.36 -4.99
CA ALA B 409 9.21 8.08 -5.68
C ALA B 409 8.18 8.09 -6.79
N GLN B 410 8.48 7.34 -7.85
CA GLN B 410 7.59 7.22 -9.00
C GLN B 410 7.44 5.74 -9.36
N GLY B 411 6.27 5.40 -9.87
CA GLY B 411 6.00 4.01 -10.20
C GLY B 411 5.22 3.87 -11.49
N ILE B 412 5.55 2.84 -12.27
CA ILE B 412 4.86 2.52 -13.51
C ILE B 412 4.57 1.03 -13.51
N GLY B 413 3.36 0.65 -13.90
CA GLY B 413 3.02 -0.75 -13.98
C GLY B 413 1.54 -1.02 -14.18
N ALA B 414 1.22 -2.22 -14.65
CA ALA B 414 -0.18 -2.61 -14.77
C ALA B 414 -0.84 -2.75 -13.41
N LYS B 415 -0.12 -3.31 -12.43
CA LYS B 415 -0.68 -3.61 -11.13
C LYS B 415 0.35 -3.32 -10.04
N GLY B 416 -0.15 -3.10 -8.83
CA GLY B 416 0.70 -2.96 -7.67
C GLY B 416 1.39 -1.63 -7.52
N VAL B 417 1.09 -0.66 -8.38
CA VAL B 417 1.77 0.64 -8.31
C VAL B 417 1.16 1.50 -7.23
N ASP B 418 -0.19 1.53 -7.16
CA ASP B 418 -0.84 2.32 -6.12
C ASP B 418 -0.37 1.88 -4.73
N LYS B 419 -0.17 0.57 -4.54
CA LYS B 419 0.27 0.06 -3.25
C LYS B 419 1.70 0.52 -2.93
N ARG B 420 2.61 0.38 -3.90
CA ARG B 420 4.01 0.71 -3.64
C ARG B 420 4.18 2.21 -3.38
N ILE B 421 3.46 3.04 -4.14
CA ILE B 421 3.61 4.49 -3.96
C ILE B 421 2.90 4.96 -2.70
N ASP B 422 1.79 4.34 -2.33
CA ASP B 422 1.17 4.64 -1.05
C ASP B 422 2.11 4.28 0.10
N ILE B 423 2.77 3.12 -0.01
CA ILE B 423 3.73 2.73 1.02
C ILE B 423 4.85 3.76 1.12
N LEU B 424 5.42 4.16 -0.02
CA LEU B 424 6.55 5.09 0.01
C LEU B 424 6.10 6.47 0.50
N ALA B 425 4.88 6.89 0.16
CA ALA B 425 4.36 8.12 0.74
C ALA B 425 4.33 8.03 2.27
N THR B 426 3.90 6.88 2.80
CA THR B 426 3.85 6.71 4.25
C THR B 426 5.24 6.72 4.86
N ALA B 427 6.22 6.13 4.16
CA ALA B 427 7.59 6.16 4.66
C ALA B 427 8.12 7.59 4.74
N ILE B 428 7.83 8.41 3.73
CA ILE B 428 8.25 9.81 3.78
C ILE B 428 7.60 10.51 4.97
N LYS B 429 6.30 10.26 5.20
CA LYS B 429 5.62 10.89 6.33
C LYS B 429 6.26 10.49 7.65
N GLY B 430 6.73 9.25 7.75
CA GLY B 430 7.42 8.78 8.93
C GLY B 430 8.89 9.10 8.98
N GLN B 431 9.38 9.89 8.01
CA GLN B 431 10.78 10.31 7.97
C GLN B 431 11.71 9.10 7.90
N LEU B 432 11.27 8.06 7.20
CA LEU B 432 12.11 6.90 6.98
C LEU B 432 13.11 7.17 5.88
N THR B 433 14.34 6.72 6.08
CA THR B 433 15.42 6.84 5.10
C THR B 433 15.53 5.55 4.30
N ILE B 434 16.35 5.59 3.26
CA ILE B 434 16.59 4.40 2.45
C ILE B 434 17.08 3.25 3.30
N PHE B 435 17.71 3.54 4.44
CA PHE B 435 18.20 2.48 5.31
C PHE B 435 17.07 1.77 6.04
N ASP B 436 15.89 2.40 6.15
CA ASP B 436 14.74 1.79 6.80
C ASP B 436 13.86 0.99 5.84
N LEU B 437 13.95 1.24 4.54
CA LEU B 437 13.09 0.52 3.60
C LEU B 437 13.29 -0.98 3.65
N PRO B 438 14.51 -1.52 3.77
CA PRO B 438 14.65 -2.98 3.89
C PRO B 438 14.02 -3.55 5.14
N GLU B 439 13.81 -2.74 6.17
CA GLU B 439 13.24 -3.21 7.43
C GLU B 439 11.72 -3.32 7.40
N LEU B 440 11.08 -2.72 6.40
CA LEU B 440 9.63 -2.75 6.34
C LEU B 440 9.13 -4.15 6.03
N GLU B 441 8.05 -4.54 6.70
CA GLU B 441 7.45 -5.86 6.55
C GLU B 441 6.09 -5.70 5.87
N PHE B 442 5.95 -6.30 4.70
CA PHE B 442 4.74 -6.22 3.92
C PHE B 442 4.02 -7.56 3.94
N THR B 443 2.81 -7.55 3.39
CA THR B 443 1.94 -8.72 3.36
C THR B 443 2.38 -9.65 2.23
N TYR B 444 3.35 -10.51 2.53
CA TYR B 444 3.90 -11.39 1.51
C TYR B 444 3.18 -12.74 1.50
N ALA B 445 2.54 -13.04 0.38
CA ALA B 445 2.16 -14.39 0.00
C ALA B 445 2.25 -14.40 -1.52
N PRO B 446 2.49 -15.56 -2.13
CA PRO B 446 2.79 -15.59 -3.57
C PRO B 446 1.80 -14.77 -4.39
N PRO B 447 0.51 -14.78 -4.05
CA PRO B 447 -0.44 -13.96 -4.84
C PRO B 447 -0.28 -12.46 -4.66
N PHE B 448 0.38 -11.98 -3.61
CA PHE B 448 0.34 -10.56 -3.27
C PHE B 448 1.67 -9.83 -3.34
N GLY B 449 2.79 -10.53 -3.30
CA GLY B 449 4.07 -9.85 -3.36
C GLY B 449 5.23 -10.83 -3.37
N SER B 450 6.38 -10.32 -2.96
CA SER B 450 7.63 -11.08 -2.91
C SER B 450 8.28 -10.89 -1.54
N ALA B 451 9.04 -11.91 -1.11
CA ALA B 451 9.70 -11.85 0.19
C ALA B 451 10.54 -10.58 0.30
N LYS B 452 11.32 -10.29 -0.72
CA LYS B 452 11.97 -8.98 -0.88
C LYS B 452 11.09 -8.18 -1.83
N ASP B 453 10.23 -7.33 -1.28
CA ASP B 453 9.34 -6.56 -2.12
C ASP B 453 10.13 -5.57 -2.97
N PRO B 454 9.60 -5.16 -4.12
CA PRO B 454 10.27 -4.08 -4.87
C PRO B 454 10.59 -2.86 -4.03
N VAL B 455 9.77 -2.57 -3.01
CA VAL B 455 10.05 -1.41 -2.16
C VAL B 455 11.25 -1.69 -1.26
N ASN B 456 11.36 -2.92 -0.76
CA ASN B 456 12.58 -3.31 -0.06
C ASN B 456 13.79 -3.16 -0.98
N MET B 457 13.66 -3.57 -2.24
CA MET B 457 14.78 -3.55 -3.16
C MET B 457 15.27 -2.13 -3.42
N LEU B 458 14.34 -1.17 -3.57
CA LEU B 458 14.74 0.22 -3.67
C LEU B 458 15.70 0.59 -2.55
N GLY B 459 15.41 0.15 -1.32
CA GLY B 459 16.29 0.46 -0.21
C GLY B 459 17.63 -0.23 -0.31
N TYR B 460 17.63 -1.52 -0.67
CA TYR B 460 18.89 -2.23 -0.83
C TYR B 460 19.74 -1.58 -1.91
N ALA B 461 19.15 -1.32 -3.09
CA ALA B 461 19.90 -0.70 -4.17
C ALA B 461 20.37 0.69 -3.80
N ALA B 462 19.52 1.46 -3.12
CA ALA B 462 19.92 2.79 -2.69
C ALA B 462 21.03 2.74 -1.64
N MET B 463 20.99 1.72 -0.76
CA MET B 463 22.04 1.57 0.23
C MET B 463 23.39 1.31 -0.43
N ASN B 464 23.41 0.50 -1.48
CA ASN B 464 24.67 0.17 -2.14
C ASN B 464 25.33 1.41 -2.73
N LEU B 465 24.53 2.38 -3.19
CA LEU B 465 25.09 3.60 -3.74
C LEU B 465 25.62 4.53 -2.65
N VAL B 466 24.86 4.69 -1.56
CA VAL B 466 25.32 5.55 -0.48
C VAL B 466 26.59 5.00 0.14
N GLU B 467 26.65 3.68 0.32
CA GLU B 467 27.78 3.04 1.00
C GLU B 467 28.94 2.72 0.06
N GLY B 468 28.84 3.10 -1.22
CA GLY B 468 29.95 2.96 -2.13
C GLY B 468 30.13 1.59 -2.75
N LEU B 469 29.24 0.64 -2.46
CA LEU B 469 29.35 -0.68 -3.06
C LEU B 469 28.96 -0.67 -4.54
N SER B 470 28.20 0.33 -4.98
CA SER B 470 27.84 0.47 -6.38
C SER B 470 27.92 1.93 -6.77
N GLU B 471 28.30 2.16 -8.03
CA GLU B 471 28.22 3.46 -8.68
C GLU B 471 27.43 3.27 -9.97
N ASN B 472 26.47 4.14 -10.22
CA ASN B 472 25.61 3.98 -11.39
C ASN B 472 25.73 5.19 -12.32
N VAL B 473 25.31 4.96 -13.56
CA VAL B 473 25.28 5.97 -14.61
C VAL B 473 23.84 6.14 -15.06
N GLN B 474 23.43 7.39 -15.28
CA GLN B 474 22.07 7.68 -15.68
C GLN B 474 21.93 7.66 -17.20
N TRP B 475 20.72 7.34 -17.67
CA TRP B 475 20.47 7.26 -19.10
C TRP B 475 20.91 8.54 -19.81
N TYR B 476 20.70 9.69 -19.18
CA TYR B 476 21.07 10.96 -19.81
C TYR B 476 22.56 11.25 -19.71
N GLU B 477 23.34 10.39 -19.07
CA GLU B 477 24.78 10.52 -19.02
C GLU B 477 25.50 9.57 -19.95
N LEU B 478 24.83 8.53 -20.44
CA LEU B 478 25.53 7.43 -21.09
C LEU B 478 26.32 7.90 -22.30
N SER B 479 25.68 8.63 -23.22
CA SER B 479 26.36 9.01 -24.45
C SER B 479 27.62 9.82 -24.16
N ASN B 480 27.53 10.77 -23.22
CA ASN B 480 28.70 11.59 -22.91
C ASN B 480 29.80 10.77 -22.24
N GLU B 481 29.43 9.79 -21.43
CA GLU B 481 30.43 8.94 -20.80
C GLU B 481 31.13 8.05 -21.82
N LEU B 482 30.36 7.48 -22.76
CA LEU B 482 30.97 6.68 -23.82
C LEU B 482 31.80 7.55 -24.76
N ALA B 483 31.35 8.79 -25.00
CA ALA B 483 32.11 9.69 -25.87
C ALA B 483 33.45 10.06 -25.25
N LYS B 484 33.55 10.05 -23.92
CA LYS B 484 34.78 10.42 -23.24
C LYS B 484 35.78 9.27 -23.12
N GLY B 485 35.37 8.04 -23.44
CA GLY B 485 36.29 6.92 -23.42
C GLY B 485 35.77 5.68 -22.72
N ALA B 486 34.69 5.82 -21.98
CA ALA B 486 34.11 4.65 -21.31
C ALA B 486 33.63 3.65 -22.36
N VAL B 487 33.54 2.38 -21.94
CA VAL B 487 33.17 1.29 -22.82
C VAL B 487 31.99 0.56 -22.20
N LEU B 488 31.01 0.22 -23.04
CA LEU B 488 29.82 -0.47 -22.57
C LEU B 488 30.09 -1.97 -22.50
N LEU B 489 29.84 -2.57 -21.35
CA LEU B 489 30.00 -4.01 -21.15
C LEU B 489 28.62 -4.64 -21.09
N ASP B 490 28.26 -5.38 -22.14
CA ASP B 490 26.97 -6.03 -22.25
C ASP B 490 27.08 -7.46 -21.71
N VAL B 491 26.37 -7.73 -20.62
CA VAL B 491 26.48 -9.02 -19.94
C VAL B 491 25.18 -9.82 -20.08
N ARG B 492 24.47 -9.62 -21.19
CA ARG B 492 23.27 -10.40 -21.46
C ARG B 492 23.64 -11.77 -22.01
N ASN B 493 22.76 -12.74 -21.79
CA ASN B 493 22.95 -14.06 -22.37
C ASN B 493 22.82 -13.96 -23.88
N PRO B 494 23.60 -14.75 -24.64
CA PRO B 494 23.55 -14.65 -26.11
C PRO B 494 22.14 -14.62 -26.66
N ALA B 495 21.25 -15.42 -26.08
CA ALA B 495 19.84 -15.43 -26.47
C ALA B 495 19.29 -14.01 -26.56
N PHE B 502 23.86 -2.30 -28.57
CA PHE B 502 24.82 -1.24 -28.84
C PHE B 502 25.92 -1.73 -29.79
N LYS B 503 26.65 -0.79 -30.38
CA LYS B 503 27.66 -1.11 -31.40
C LYS B 503 29.01 -1.40 -30.77
N ASN B 504 29.76 -0.35 -30.47
CA ASN B 504 31.11 -0.49 -29.92
C ASN B 504 31.03 -1.01 -28.48
N ALA B 505 30.44 -2.18 -28.30
CA ALA B 505 30.19 -2.74 -26.98
C ALA B 505 30.84 -4.11 -26.86
N VAL B 506 31.47 -4.37 -25.72
CA VAL B 506 32.02 -5.69 -25.41
C VAL B 506 30.91 -6.54 -24.81
N SER B 507 30.77 -7.76 -25.31
CA SER B 507 29.70 -8.67 -24.92
C SER B 507 30.27 -9.90 -24.24
N ILE B 508 30.15 -9.97 -22.92
CA ILE B 508 30.53 -11.14 -22.14
C ILE B 508 29.37 -11.50 -21.22
N PRO B 509 28.64 -12.57 -21.47
CA PRO B 509 27.49 -12.89 -20.61
C PRO B 509 27.92 -13.10 -19.17
N LEU B 510 27.01 -12.81 -18.24
CA LEU B 510 27.33 -12.91 -16.83
C LEU B 510 27.84 -14.30 -16.46
N ASN B 511 27.23 -15.34 -17.02
CA ASN B 511 27.61 -16.70 -16.67
C ASN B 511 29.06 -17.03 -17.00
N GLU B 512 29.66 -16.30 -17.95
CA GLU B 512 31.04 -16.51 -18.35
C GLU B 512 31.99 -15.43 -17.85
N LEU B 513 31.46 -14.38 -17.21
CA LEU B 513 32.28 -13.22 -16.92
C LEU B 513 33.40 -13.54 -15.94
N ARG B 514 33.10 -14.33 -14.90
CA ARG B 514 34.10 -14.60 -13.87
C ARG B 514 35.31 -15.30 -14.45
N GLU B 515 35.12 -16.16 -15.46
CA GLU B 515 36.25 -16.85 -16.06
C GLU B 515 36.89 -16.06 -17.20
N ARG B 516 36.07 -15.35 -17.99
CA ARG B 516 36.58 -14.50 -19.05
C ARG B 516 36.94 -13.10 -18.58
N LEU B 517 36.97 -12.88 -17.26
CA LEU B 517 37.19 -11.54 -16.71
C LEU B 517 38.56 -10.98 -17.10
N GLU B 518 39.49 -11.83 -17.52
CA GLU B 518 40.82 -11.37 -17.89
C GLU B 518 40.90 -10.77 -19.28
N GLU B 519 39.85 -10.94 -20.10
CA GLU B 519 39.86 -10.36 -21.44
C GLU B 519 39.75 -8.84 -21.40
N LEU B 520 39.15 -8.30 -20.33
CA LEU B 520 38.94 -6.87 -20.25
C LEU B 520 40.24 -6.13 -19.98
N ASP B 521 40.26 -4.85 -20.34
CA ASP B 521 41.40 -3.99 -20.13
C ASP B 521 41.26 -3.27 -18.79
N LYS B 522 42.22 -3.50 -17.89
CA LYS B 522 42.11 -2.94 -16.54
C LYS B 522 42.33 -1.43 -16.51
N SER B 523 42.83 -0.83 -17.58
CA SER B 523 43.00 0.62 -17.65
C SER B 523 41.82 1.31 -18.30
N THR B 524 40.71 0.62 -18.46
CA THR B 524 39.53 1.15 -19.14
C THR B 524 38.38 1.20 -18.16
N GLU B 525 37.56 2.26 -18.29
CA GLU B 525 36.35 2.41 -17.49
C GLU B 525 35.19 1.78 -18.25
N TYR B 526 34.47 0.90 -17.58
CA TYR B 526 33.37 0.16 -18.18
C TYR B 526 32.04 0.58 -17.57
N ILE B 527 30.99 0.48 -18.38
CA ILE B 527 29.62 0.71 -17.94
C ILE B 527 28.84 -0.56 -18.24
N VAL B 528 28.40 -1.24 -17.19
CA VAL B 528 27.81 -2.57 -17.32
C VAL B 528 26.30 -2.42 -17.45
N SER B 529 25.70 -3.20 -18.34
CA SER B 529 24.26 -3.16 -18.55
C SER B 529 23.74 -4.53 -18.95
N CYS B 530 22.49 -4.79 -18.58
CA CYS B 530 21.76 -5.98 -19.00
C CYS B 530 20.35 -5.52 -19.37
N HIS B 531 19.37 -6.43 -19.34
CA HIS B 531 18.00 -5.97 -19.52
C HIS B 531 17.48 -5.31 -18.25
N SER B 532 17.86 -5.85 -17.09
CA SER B 532 17.54 -5.28 -15.80
C SER B 532 18.83 -5.01 -15.03
N GLY B 533 18.80 -3.98 -14.19
CA GLY B 533 19.98 -3.57 -13.45
C GLY B 533 20.46 -4.55 -12.40
N LEU B 534 19.74 -5.65 -12.18
CA LEU B 534 20.16 -6.63 -11.17
C LEU B 534 21.39 -7.41 -11.64
N ARG B 535 21.33 -7.98 -12.85
CA ARG B 535 22.45 -8.77 -13.34
C ARG B 535 23.67 -7.90 -13.62
N SER B 536 23.48 -6.67 -14.08
CA SER B 536 24.63 -5.80 -14.32
C SER B 536 25.29 -5.35 -13.02
N TYR B 537 24.51 -5.21 -11.94
CA TYR B 537 25.08 -4.88 -10.64
C TYR B 537 25.94 -6.04 -10.12
N ILE B 538 25.50 -7.28 -10.30
CA ILE B 538 26.32 -8.42 -9.92
C ILE B 538 27.64 -8.40 -10.66
N ALA B 539 27.61 -8.10 -11.97
CA ALA B 539 28.84 -8.00 -12.75
C ALA B 539 29.70 -6.84 -12.26
N GLU B 540 29.09 -5.69 -11.98
CA GLU B 540 29.86 -4.56 -11.47
C GLU B 540 30.64 -4.96 -10.22
N ARG B 541 30.03 -5.76 -9.34
CA ARG B 541 30.71 -6.19 -8.13
C ARG B 541 31.92 -7.06 -8.45
N MET B 542 31.80 -7.94 -9.46
CA MET B 542 32.96 -8.72 -9.90
C MET B 542 34.08 -7.80 -10.35
N LEU B 543 33.77 -6.85 -11.24
CA LEU B 543 34.80 -5.98 -11.81
C LEU B 543 35.44 -5.11 -10.74
N LYS B 544 34.62 -4.52 -9.86
CA LYS B 544 35.18 -3.66 -8.82
C LYS B 544 36.24 -4.39 -8.00
N GLN B 545 35.96 -5.63 -7.61
CA GLN B 545 36.86 -6.40 -6.76
C GLN B 545 38.03 -7.00 -7.51
N ALA B 546 37.98 -7.01 -8.84
CA ALA B 546 39.11 -7.42 -9.67
C ALA B 546 39.96 -6.25 -10.13
N GLY B 547 39.71 -5.05 -9.61
CA GLY B 547 40.52 -3.90 -9.97
C GLY B 547 40.18 -3.26 -11.29
N ILE B 548 38.94 -3.40 -11.75
CA ILE B 548 38.48 -2.80 -12.99
C ILE B 548 37.45 -1.74 -12.66
N SER B 549 37.67 -0.53 -13.17
CA SER B 549 36.71 0.56 -12.97
C SER B 549 35.43 0.25 -13.73
N ALA B 550 34.33 0.11 -12.99
CA ALA B 550 33.05 -0.27 -13.59
C ALA B 550 31.90 0.45 -12.89
N LYS B 551 30.89 0.82 -13.67
CA LYS B 551 29.67 1.42 -13.16
C LYS B 551 28.48 0.69 -13.75
N ASN B 552 27.37 0.78 -13.04
CA ASN B 552 26.12 0.15 -13.45
C ASN B 552 25.26 1.17 -14.19
N LEU B 553 24.69 0.77 -15.32
CA LEU B 553 23.74 1.62 -16.03
C LEU B 553 22.40 1.49 -15.34
N ASP B 554 22.01 2.55 -14.62
CA ASP B 554 20.76 2.52 -13.86
C ASP B 554 19.57 2.40 -14.80
N GLY B 555 18.74 1.39 -14.57
CA GLY B 555 17.66 1.05 -15.46
C GLY B 555 18.03 0.12 -16.60
N ALA B 556 19.32 0.06 -16.94
CA ALA B 556 19.82 -0.90 -17.93
C ALA B 556 19.20 -0.65 -19.30
N PHE B 557 19.26 -1.66 -20.18
CA PHE B 557 18.79 -1.48 -21.55
C PHE B 557 17.29 -1.25 -21.58
N ALA B 558 16.52 -1.94 -20.72
CA ALA B 558 15.07 -1.81 -20.75
C ALA B 558 14.64 -0.35 -20.62
N LEU B 559 15.29 0.40 -19.72
CA LEU B 559 14.93 1.80 -19.54
C LEU B 559 15.51 2.67 -20.65
N TYR B 560 16.76 2.42 -21.05
CA TYR B 560 17.40 3.26 -22.06
C TYR B 560 16.65 3.16 -23.39
N ARG B 561 16.31 1.94 -23.82
CA ARG B 561 15.59 1.77 -25.07
C ARG B 561 14.25 2.49 -25.06
N MET B 562 13.68 2.70 -23.87
CA MET B 562 12.37 3.34 -23.77
C MET B 562 12.47 4.85 -23.95
N VAL B 563 13.51 5.49 -23.40
CA VAL B 563 13.59 6.94 -23.36
C VAL B 563 14.50 7.48 -24.45
N LYS B 564 15.55 6.72 -24.80
CA LYS B 564 16.48 7.10 -25.86
C LYS B 564 16.51 6.01 -26.93
N PRO B 565 15.36 5.76 -27.58
CA PRO B 565 15.30 4.65 -28.55
C PRO B 565 16.25 4.79 -29.73
N GLU B 566 16.71 6.01 -30.04
CA GLU B 566 17.53 6.22 -31.22
C GLU B 566 19.02 5.95 -30.96
N GLU B 567 19.55 6.46 -29.86
CA GLU B 567 20.98 6.38 -29.57
C GLU B 567 21.44 4.93 -29.45
#